data_5TLR
#
_entry.id   5TLR
#
_entity_poly.entity_id   1
_entity_poly.type   'polypeptide(L)'
_entity_poly.pdbx_seq_one_letter_code
;GCLGIWKACNPSNDQCCKSSKLVCSRKTRWCKWQI(NH2)
;
_entity_poly.pdbx_strand_id   A
#
# COMPACT_ATOMS: atom_id res chain seq x y z
N GLY A 1 -5.95 9.75 -3.42
CA GLY A 1 -4.52 9.97 -3.42
C GLY A 1 -3.80 8.71 -3.10
N CYS A 2 -2.50 8.73 -3.14
CA CYS A 2 -1.70 7.56 -2.89
C CYS A 2 -1.15 7.56 -1.48
N LEU A 3 -0.44 6.50 -1.19
CA LEU A 3 0.26 6.30 0.04
C LEU A 3 1.65 5.84 -0.35
N GLY A 4 2.64 6.23 0.41
CA GLY A 4 4.01 5.83 0.14
C GLY A 4 4.25 4.38 0.43
N ILE A 5 5.41 3.91 0.02
CA ILE A 5 5.75 2.53 0.11
C ILE A 5 5.86 2.02 1.53
N TRP A 6 6.53 2.73 2.33
CA TRP A 6 6.72 2.29 3.67
C TRP A 6 5.69 2.90 4.59
N LYS A 7 4.66 3.43 4.01
CA LYS A 7 3.65 4.12 4.74
C LYS A 7 2.64 3.15 5.27
N ALA A 8 1.94 3.55 6.29
CA ALA A 8 0.97 2.70 6.91
C ALA A 8 -0.33 2.78 6.14
N CYS A 9 -0.70 1.69 5.57
CA CYS A 9 -1.96 1.59 4.88
C CYS A 9 -2.95 0.87 5.74
N ASN A 10 -4.10 0.61 5.21
CA ASN A 10 -5.11 -0.08 5.92
C ASN A 10 -5.15 -1.53 5.49
N PRO A 11 -4.72 -2.46 6.35
CA PRO A 11 -4.70 -3.89 6.05
C PRO A 11 -6.05 -4.42 5.56
N SER A 12 -7.11 -3.90 6.12
CA SER A 12 -8.43 -4.34 5.77
C SER A 12 -9.11 -3.35 4.78
N ASN A 13 -8.34 -2.44 4.23
CA ASN A 13 -8.84 -1.50 3.25
C ASN A 13 -7.72 -1.14 2.33
N ASP A 14 -7.40 -2.06 1.47
CA ASP A 14 -6.34 -1.88 0.54
C ASP A 14 -6.66 -0.79 -0.47
N GLN A 15 -5.82 0.19 -0.51
CA GLN A 15 -5.94 1.27 -1.43
C GLN A 15 -4.54 1.60 -1.94
N CYS A 16 -3.77 2.28 -1.09
CA CYS A 16 -2.41 2.71 -1.39
C CYS A 16 -2.36 3.48 -2.73
N CYS A 17 -1.26 3.42 -3.42
CA CYS A 17 -1.14 4.10 -4.68
C CYS A 17 -1.47 3.16 -5.78
N LYS A 18 -2.65 3.28 -6.26
CA LYS A 18 -3.12 2.45 -7.34
C LYS A 18 -2.49 2.91 -8.62
N SER A 19 -2.16 4.18 -8.65
CA SER A 19 -1.53 4.83 -9.77
C SER A 19 -0.14 4.23 -10.04
N SER A 20 0.60 3.92 -8.99
CA SER A 20 1.95 3.42 -9.14
C SER A 20 1.99 1.94 -8.84
N LYS A 21 0.79 1.38 -8.70
CA LYS A 21 0.56 -0.04 -8.52
C LYS A 21 1.08 -0.59 -7.19
N LEU A 22 0.94 0.16 -6.14
CA LEU A 22 1.29 -0.31 -4.89
C LEU A 22 0.06 -0.78 -4.19
N VAL A 23 0.19 -1.90 -3.66
CA VAL A 23 -0.86 -2.56 -2.94
C VAL A 23 -0.49 -2.64 -1.49
N CYS A 24 -1.45 -2.61 -0.67
CA CYS A 24 -1.26 -2.65 0.75
C CYS A 24 -1.01 -4.06 1.22
N SER A 25 -0.07 -4.22 2.08
CA SER A 25 0.19 -5.46 2.67
C SER A 25 -0.58 -5.51 3.96
N ARG A 26 -1.18 -6.61 4.22
CA ARG A 26 -2.13 -6.73 5.30
C ARG A 26 -1.43 -7.11 6.57
N LYS A 27 -0.59 -8.11 6.47
CA LYS A 27 0.15 -8.57 7.63
C LYS A 27 1.21 -7.55 8.01
N THR A 28 1.70 -6.81 7.03
CA THR A 28 2.82 -5.92 7.31
C THR A 28 2.50 -4.42 7.30
N ARG A 29 1.30 -4.05 6.88
CA ARG A 29 0.79 -2.66 6.94
C ARG A 29 1.57 -1.65 6.03
N TRP A 30 2.41 -2.13 5.15
CA TRP A 30 3.12 -1.25 4.22
C TRP A 30 2.64 -1.48 2.84
N CYS A 31 3.04 -0.64 1.99
CA CYS A 31 2.71 -0.72 0.64
C CYS A 31 3.81 -1.45 -0.11
N LYS A 32 3.43 -2.29 -1.02
CA LYS A 32 4.40 -3.03 -1.77
C LYS A 32 4.03 -3.07 -3.23
N TRP A 33 5.03 -2.97 -4.05
CA TRP A 33 4.90 -2.99 -5.45
C TRP A 33 5.42 -4.31 -6.01
N GLN A 34 6.70 -4.43 -6.12
CA GLN A 34 7.32 -5.65 -6.63
C GLN A 34 7.90 -6.48 -5.49
N ILE A 35 8.15 -5.82 -4.37
CA ILE A 35 8.78 -6.48 -3.22
C ILE A 35 7.80 -7.37 -2.47
N GLY A 1 -3.68 10.87 -5.75
CA GLY A 1 -2.74 10.75 -4.65
C GLY A 1 -2.51 9.32 -4.32
N CYS A 2 -1.50 9.06 -3.55
CA CYS A 2 -1.16 7.72 -3.16
C CYS A 2 -0.74 7.70 -1.71
N LEU A 3 -0.41 6.54 -1.23
CA LEU A 3 0.16 6.40 0.06
C LEU A 3 1.63 6.10 -0.17
N GLY A 4 2.39 6.13 0.86
CA GLY A 4 3.79 5.86 0.73
C GLY A 4 4.05 4.40 0.80
N ILE A 5 5.11 3.98 0.18
CA ILE A 5 5.48 2.61 0.12
C ILE A 5 5.83 2.07 1.50
N TRP A 6 6.50 2.84 2.24
CA TRP A 6 6.90 2.44 3.53
C TRP A 6 5.99 3.00 4.57
N LYS A 7 4.82 3.39 4.16
CA LYS A 7 3.89 3.99 5.04
C LYS A 7 2.78 3.04 5.40
N ALA A 8 2.15 3.29 6.52
CA ALA A 8 1.11 2.45 7.05
C ALA A 8 -0.20 2.65 6.33
N CYS A 9 -0.72 1.58 5.82
CA CYS A 9 -2.00 1.55 5.16
C CYS A 9 -2.96 0.70 5.95
N ASN A 10 -4.12 0.47 5.39
CA ASN A 10 -5.11 -0.33 6.04
C ASN A 10 -5.37 -1.57 5.26
N PRO A 11 -5.05 -2.75 5.81
CA PRO A 11 -5.37 -4.05 5.18
C PRO A 11 -6.88 -4.18 4.85
N SER A 12 -7.72 -3.62 5.71
CA SER A 12 -9.16 -3.65 5.55
C SER A 12 -9.64 -2.69 4.44
N ASN A 13 -8.81 -1.74 4.08
CA ASN A 13 -9.14 -0.77 3.07
C ASN A 13 -7.94 -0.63 2.20
N ASP A 14 -7.75 -1.64 1.42
CA ASP A 14 -6.59 -1.77 0.62
C ASP A 14 -6.75 -1.01 -0.66
N GLN A 15 -6.00 0.00 -0.78
CA GLN A 15 -6.00 0.79 -1.96
C GLN A 15 -4.59 1.21 -2.30
N CYS A 16 -4.01 2.03 -1.42
CA CYS A 16 -2.65 2.55 -1.58
C CYS A 16 -2.51 3.25 -2.96
N CYS A 17 -1.34 3.26 -3.51
CA CYS A 17 -1.12 3.92 -4.76
C CYS A 17 -1.64 3.07 -5.88
N LYS A 18 -2.76 3.43 -6.38
CA LYS A 18 -3.35 2.74 -7.51
C LYS A 18 -2.70 3.25 -8.80
N SER A 19 -2.10 4.41 -8.69
CA SER A 19 -1.41 5.05 -9.79
C SER A 19 -0.08 4.34 -10.09
N SER A 20 0.58 3.82 -9.06
CA SER A 20 1.87 3.19 -9.25
C SER A 20 1.79 1.72 -8.94
N LYS A 21 0.57 1.27 -8.70
CA LYS A 21 0.24 -0.13 -8.48
C LYS A 21 0.87 -0.68 -7.20
N LEU A 22 0.56 -0.07 -6.11
CA LEU A 22 1.01 -0.50 -4.88
C LEU A 22 -0.15 -0.97 -4.09
N VAL A 23 0.03 -2.06 -3.49
CA VAL A 23 -0.98 -2.68 -2.67
C VAL A 23 -0.59 -2.54 -1.22
N CYS A 24 -1.51 -2.78 -0.34
CA CYS A 24 -1.24 -2.69 1.06
C CYS A 24 -0.89 -4.07 1.57
N SER A 25 0.12 -4.16 2.35
CA SER A 25 0.50 -5.38 2.91
C SER A 25 -0.31 -5.62 4.17
N ARG A 26 -0.71 -6.82 4.35
CA ARG A 26 -1.58 -7.22 5.42
C ARG A 26 -0.77 -7.56 6.63
N LYS A 27 0.27 -8.33 6.39
CA LYS A 27 1.13 -8.78 7.45
C LYS A 27 2.10 -7.68 7.87
N THR A 28 2.38 -6.77 6.98
CA THR A 28 3.37 -5.75 7.30
C THR A 28 2.86 -4.31 7.35
N ARG A 29 1.60 -4.10 6.98
CA ARG A 29 0.91 -2.81 7.05
C ARG A 29 1.55 -1.66 6.20
N TRP A 30 2.55 -1.96 5.40
CA TRP A 30 3.08 -0.98 4.48
C TRP A 30 2.70 -1.34 3.09
N CYS A 31 3.02 -0.51 2.20
CA CYS A 31 2.68 -0.69 0.85
C CYS A 31 3.77 -1.48 0.09
N LYS A 32 3.34 -2.33 -0.80
CA LYS A 32 4.26 -3.12 -1.59
C LYS A 32 4.39 -2.54 -2.96
N TRP A 33 5.58 -2.59 -3.50
CA TRP A 33 5.87 -2.00 -4.79
C TRP A 33 5.32 -2.92 -5.89
N GLN A 34 5.14 -2.38 -7.08
CA GLN A 34 4.57 -3.14 -8.19
C GLN A 34 5.52 -4.20 -8.71
N ILE A 35 6.79 -4.00 -8.52
CA ILE A 35 7.79 -4.94 -8.99
C ILE A 35 8.10 -5.93 -7.87
N GLY A 1 -5.43 9.04 -5.33
CA GLY A 1 -4.73 9.26 -4.07
C GLY A 1 -3.90 8.07 -3.72
N CYS A 2 -2.67 8.30 -3.39
CA CYS A 2 -1.77 7.23 -3.07
C CYS A 2 -1.38 7.27 -1.61
N LEU A 3 -0.65 6.27 -1.21
CA LEU A 3 -0.09 6.13 0.08
C LEU A 3 1.38 5.85 -0.15
N GLY A 4 2.17 6.03 0.85
CA GLY A 4 3.59 5.80 0.71
C GLY A 4 3.92 4.35 0.81
N ILE A 5 5.01 3.94 0.20
CA ILE A 5 5.38 2.56 0.17
C ILE A 5 5.69 2.02 1.55
N TRP A 6 6.33 2.79 2.33
CA TRP A 6 6.69 2.34 3.63
C TRP A 6 5.71 2.83 4.66
N LYS A 7 4.61 3.33 4.19
CA LYS A 7 3.64 3.90 5.05
C LYS A 7 2.63 2.87 5.48
N ALA A 8 2.18 3.01 6.68
CA ALA A 8 1.21 2.13 7.25
C ALA A 8 -0.14 2.40 6.62
N CYS A 9 -0.57 1.47 5.83
CA CYS A 9 -1.84 1.53 5.18
C CYS A 9 -2.86 0.77 5.97
N ASN A 10 -4.02 0.63 5.42
CA ASN A 10 -5.06 -0.11 6.02
C ASN A 10 -5.35 -1.28 5.12
N PRO A 11 -4.93 -2.49 5.52
CA PRO A 11 -5.10 -3.72 4.72
C PRO A 11 -6.54 -3.97 4.30
N SER A 12 -7.46 -3.70 5.18
CA SER A 12 -8.85 -3.94 4.92
C SER A 12 -9.49 -2.76 4.14
N ASN A 13 -8.74 -1.70 3.99
CA ASN A 13 -9.21 -0.51 3.27
C ASN A 13 -8.21 -0.24 2.19
N ASP A 14 -7.68 -1.33 1.66
CA ASP A 14 -6.61 -1.35 0.68
C ASP A 14 -6.88 -0.44 -0.50
N GLN A 15 -6.08 0.57 -0.59
CA GLN A 15 -6.13 1.51 -1.65
C GLN A 15 -4.72 1.72 -2.19
N CYS A 16 -3.82 2.17 -1.30
CA CYS A 16 -2.42 2.43 -1.61
C CYS A 16 -2.30 3.33 -2.85
N CYS A 17 -1.26 3.17 -3.63
CA CYS A 17 -1.12 3.99 -4.80
C CYS A 17 -1.67 3.28 -6.00
N LYS A 18 -2.67 3.87 -6.58
CA LYS A 18 -3.27 3.33 -7.79
C LYS A 18 -2.44 3.74 -8.98
N SER A 19 -1.78 4.86 -8.84
CA SER A 19 -0.96 5.42 -9.89
C SER A 19 0.31 4.57 -10.13
N SER A 20 0.78 3.88 -9.10
CA SER A 20 1.97 3.08 -9.24
C SER A 20 1.65 1.61 -9.10
N LYS A 21 0.37 1.31 -8.94
CA LYS A 21 -0.15 -0.05 -8.83
C LYS A 21 0.48 -0.78 -7.64
N LEU A 22 0.27 -0.24 -6.47
CA LEU A 22 0.83 -0.72 -5.30
C LEU A 22 -0.26 -1.33 -4.46
N VAL A 23 0.09 -2.32 -3.73
CA VAL A 23 -0.84 -3.07 -2.88
C VAL A 23 -0.44 -2.88 -1.41
N CYS A 24 -1.37 -3.01 -0.50
CA CYS A 24 -1.08 -2.87 0.91
C CYS A 24 -0.79 -4.25 1.52
N SER A 25 0.22 -4.29 2.35
CA SER A 25 0.62 -5.44 3.05
C SER A 25 -0.27 -5.59 4.30
N ARG A 26 -0.48 -6.80 4.73
CA ARG A 26 -1.37 -7.04 5.84
C ARG A 26 -0.61 -7.25 7.12
N LYS A 27 0.27 -8.23 7.10
CA LYS A 27 1.03 -8.61 8.27
C LYS A 27 2.06 -7.55 8.58
N THR A 28 2.60 -6.97 7.56
CA THR A 28 3.66 -6.01 7.73
C THR A 28 3.11 -4.58 7.75
N ARG A 29 1.99 -4.41 7.08
CA ARG A 29 1.29 -3.14 6.96
C ARG A 29 2.14 -2.00 6.42
N TRP A 30 2.25 -1.98 5.12
CA TRP A 30 2.89 -0.97 4.32
C TRP A 30 2.60 -1.30 2.92
N CYS A 31 2.96 -0.48 2.07
CA CYS A 31 2.68 -0.67 0.71
C CYS A 31 3.78 -1.47 0.00
N LYS A 32 3.39 -2.24 -0.96
CA LYS A 32 4.33 -3.02 -1.72
C LYS A 32 4.52 -2.39 -3.04
N TRP A 33 5.71 -2.46 -3.54
CA TRP A 33 6.01 -1.91 -4.82
C TRP A 33 5.53 -2.88 -5.88
N GLN A 34 5.27 -2.38 -7.07
CA GLN A 34 4.77 -3.21 -8.16
C GLN A 34 5.82 -4.21 -8.63
N ILE A 35 7.08 -3.85 -8.51
CA ILE A 35 8.18 -4.70 -8.91
C ILE A 35 8.57 -5.58 -7.73
N GLY A 1 -4.53 10.37 -2.60
CA GLY A 1 -4.33 9.65 -3.87
C GLY A 1 -3.48 8.42 -3.69
N CYS A 2 -2.35 8.57 -3.03
CA CYS A 2 -1.46 7.47 -2.81
C CYS A 2 -0.87 7.48 -1.42
N LEU A 3 -0.18 6.42 -1.13
CA LEU A 3 0.56 6.23 0.06
C LEU A 3 1.95 5.81 -0.36
N GLY A 4 2.85 5.75 0.55
CA GLY A 4 4.21 5.39 0.26
C GLY A 4 4.48 3.97 0.58
N ILE A 5 5.61 3.49 0.11
CA ILE A 5 5.99 2.12 0.25
C ILE A 5 6.25 1.74 1.71
N TRP A 6 6.70 2.69 2.46
CA TRP A 6 6.95 2.49 3.85
C TRP A 6 5.81 3.04 4.68
N LYS A 7 4.76 3.44 4.03
CA LYS A 7 3.70 4.09 4.71
C LYS A 7 2.61 3.13 5.09
N ALA A 8 1.85 3.50 6.08
CA ALA A 8 0.81 2.66 6.61
C ALA A 8 -0.42 2.70 5.75
N CYS A 9 -0.83 1.56 5.33
CA CYS A 9 -2.01 1.42 4.54
C CYS A 9 -3.05 0.70 5.33
N ASN A 10 -4.14 0.38 4.69
CA ASN A 10 -5.20 -0.31 5.31
C ASN A 10 -5.42 -1.67 4.68
N PRO A 11 -5.02 -2.76 5.37
CA PRO A 11 -5.34 -4.13 4.91
C PRO A 11 -6.85 -4.30 4.67
N SER A 12 -7.64 -3.57 5.46
CA SER A 12 -9.10 -3.57 5.37
C SER A 12 -9.59 -2.77 4.16
N ASN A 13 -8.75 -1.94 3.59
CA ASN A 13 -9.15 -1.11 2.49
C ASN A 13 -7.96 -0.84 1.63
N ASP A 14 -7.77 -1.72 0.71
CA ASP A 14 -6.61 -1.65 -0.13
C ASP A 14 -6.74 -0.54 -1.12
N GLN A 15 -5.82 0.36 -1.07
CA GLN A 15 -5.77 1.43 -2.01
C GLN A 15 -4.33 1.79 -2.25
N CYS A 16 -3.70 2.41 -1.23
CA CYS A 16 -2.32 2.86 -1.32
C CYS A 16 -2.16 3.71 -2.58
N CYS A 17 -1.10 3.55 -3.31
CA CYS A 17 -0.96 4.28 -4.50
C CYS A 17 -1.65 3.55 -5.61
N LYS A 18 -2.82 3.99 -5.88
CA LYS A 18 -3.65 3.45 -6.95
C LYS A 18 -3.06 3.79 -8.31
N SER A 19 -2.25 4.80 -8.34
CA SER A 19 -1.62 5.25 -9.55
C SER A 19 -0.30 4.48 -9.81
N SER A 20 0.25 3.87 -8.78
CA SER A 20 1.49 3.13 -8.93
C SER A 20 1.24 1.65 -8.78
N LYS A 21 -0.03 1.31 -8.50
CA LYS A 21 -0.50 -0.06 -8.39
C LYS A 21 0.24 -0.79 -7.25
N LEU A 22 0.16 -0.22 -6.07
CA LEU A 22 0.79 -0.73 -4.94
C LEU A 22 -0.28 -1.27 -4.06
N VAL A 23 -0.03 -2.39 -3.49
CA VAL A 23 -1.01 -3.07 -2.69
C VAL A 23 -0.63 -3.00 -1.24
N CYS A 24 -1.58 -3.14 -0.38
CA CYS A 24 -1.34 -3.05 1.03
C CYS A 24 -0.93 -4.39 1.60
N SER A 25 0.10 -4.38 2.43
CA SER A 25 0.56 -5.54 3.11
C SER A 25 -0.35 -5.85 4.29
N ARG A 26 -0.35 -7.08 4.68
CA ARG A 26 -1.22 -7.56 5.70
C ARG A 26 -0.49 -7.64 7.02
N LYS A 27 0.67 -8.29 7.02
CA LYS A 27 1.40 -8.46 8.25
C LYS A 27 2.29 -7.27 8.56
N THR A 28 2.62 -6.49 7.55
CA THR A 28 3.53 -5.37 7.81
C THR A 28 2.90 -3.98 7.70
N ARG A 29 1.66 -3.91 7.22
CA ARG A 29 0.87 -2.66 7.13
C ARG A 29 1.52 -1.57 6.21
N TRP A 30 2.53 -1.93 5.45
CA TRP A 30 3.13 -1.00 4.50
C TRP A 30 2.72 -1.35 3.12
N CYS A 31 3.12 -0.55 2.20
CA CYS A 31 2.76 -0.74 0.87
C CYS A 31 3.75 -1.62 0.15
N LYS A 32 3.23 -2.55 -0.59
CA LYS A 32 4.03 -3.48 -1.33
C LYS A 32 4.28 -2.91 -2.69
N TRP A 33 5.39 -3.27 -3.26
CA TRP A 33 5.74 -2.71 -4.52
C TRP A 33 5.08 -3.49 -5.65
N GLN A 34 4.95 -2.83 -6.78
CA GLN A 34 4.26 -3.34 -7.97
C GLN A 34 5.01 -4.46 -8.69
N ILE A 35 6.18 -4.82 -8.21
CA ILE A 35 6.95 -5.88 -8.84
C ILE A 35 6.70 -7.20 -8.13
N GLY A 1 -5.99 8.56 -0.91
CA GLY A 1 -5.15 8.76 -2.09
C GLY A 1 -3.98 7.84 -2.02
N CYS A 2 -2.89 8.20 -2.67
CA CYS A 2 -1.73 7.38 -2.63
C CYS A 2 -1.06 7.46 -1.29
N LEU A 3 -0.21 6.55 -1.08
CA LEU A 3 0.58 6.42 0.08
C LEU A 3 1.95 6.01 -0.36
N GLY A 4 2.92 6.25 0.48
CA GLY A 4 4.27 5.85 0.19
C GLY A 4 4.48 4.40 0.50
N ILE A 5 5.61 3.90 0.12
CA ILE A 5 5.92 2.52 0.21
C ILE A 5 5.99 2.02 1.64
N TRP A 6 6.47 2.83 2.49
CA TRP A 6 6.63 2.45 3.85
C TRP A 6 5.52 2.97 4.70
N LYS A 7 4.47 3.41 4.06
CA LYS A 7 3.38 3.98 4.78
C LYS A 7 2.43 2.91 5.26
N ALA A 8 1.87 3.17 6.41
CA ALA A 8 0.94 2.26 7.02
C ALA A 8 -0.42 2.39 6.36
N CYS A 9 -0.74 1.47 5.54
CA CYS A 9 -2.01 1.43 4.86
C CYS A 9 -2.95 0.55 5.62
N ASN A 10 -4.09 0.33 5.07
CA ASN A 10 -5.07 -0.47 5.72
C ASN A 10 -5.40 -1.68 4.88
N PRO A 11 -5.20 -2.89 5.41
CA PRO A 11 -5.54 -4.15 4.71
C PRO A 11 -7.02 -4.21 4.27
N SER A 12 -7.88 -3.66 5.09
CA SER A 12 -9.30 -3.66 4.81
C SER A 12 -9.68 -2.50 3.85
N ASN A 13 -8.76 -1.61 3.62
CA ASN A 13 -8.98 -0.49 2.74
C ASN A 13 -7.77 -0.40 1.88
N ASP A 14 -7.61 -1.42 1.06
CA ASP A 14 -6.45 -1.57 0.22
C ASP A 14 -6.50 -0.57 -0.88
N GLN A 15 -5.75 0.44 -0.73
CA GLN A 15 -5.73 1.49 -1.67
C GLN A 15 -4.30 1.86 -1.98
N CYS A 16 -3.64 2.56 -1.07
CA CYS A 16 -2.28 3.04 -1.30
C CYS A 16 -2.25 3.78 -2.65
N CYS A 17 -1.17 3.72 -3.36
CA CYS A 17 -1.14 4.35 -4.63
C CYS A 17 -1.51 3.37 -5.69
N LYS A 18 -2.69 3.49 -6.18
CA LYS A 18 -3.15 2.66 -7.26
C LYS A 18 -2.64 3.20 -8.57
N SER A 19 -2.19 4.44 -8.55
CA SER A 19 -1.56 5.04 -9.69
C SER A 19 -0.20 4.39 -9.93
N SER A 20 0.43 3.93 -8.85
CA SER A 20 1.70 3.25 -8.94
C SER A 20 1.44 1.74 -8.95
N LYS A 21 0.17 1.41 -8.78
CA LYS A 21 -0.34 0.07 -8.76
C LYS A 21 0.28 -0.77 -7.66
N LEU A 22 0.09 -0.32 -6.43
CA LEU A 22 0.60 -0.94 -5.31
C LEU A 22 -0.57 -1.45 -4.49
N VAL A 23 -0.29 -2.33 -3.62
CA VAL A 23 -1.27 -2.90 -2.74
C VAL A 23 -0.76 -2.82 -1.31
N CYS A 24 -1.60 -3.10 -0.37
CA CYS A 24 -1.24 -3.01 1.01
C CYS A 24 -0.88 -4.38 1.56
N SER A 25 0.19 -4.44 2.30
CA SER A 25 0.63 -5.62 2.95
C SER A 25 -0.11 -5.71 4.28
N ARG A 26 -0.33 -6.90 4.79
CA ARG A 26 -1.22 -7.06 5.90
C ARG A 26 -0.49 -7.14 7.22
N LYS A 27 0.38 -8.11 7.34
CA LYS A 27 1.09 -8.35 8.57
C LYS A 27 2.20 -7.34 8.77
N THR A 28 2.72 -6.81 7.69
CA THR A 28 3.79 -5.84 7.83
C THR A 28 3.26 -4.41 7.77
N ARG A 29 2.05 -4.30 7.22
CA ARG A 29 1.33 -3.05 7.04
C ARG A 29 2.17 -1.95 6.38
N TRP A 30 2.27 -2.05 5.08
CA TRP A 30 2.98 -1.11 4.24
C TRP A 30 2.57 -1.34 2.84
N CYS A 31 3.03 -0.54 1.99
CA CYS A 31 2.69 -0.64 0.63
C CYS A 31 3.67 -1.57 -0.08
N LYS A 32 3.13 -2.51 -0.81
CA LYS A 32 3.93 -3.50 -1.49
C LYS A 32 4.33 -2.96 -2.81
N TRP A 33 5.60 -2.96 -3.03
CA TRP A 33 6.16 -2.38 -4.22
C TRP A 33 5.94 -3.29 -5.42
N GLN A 34 5.78 -2.66 -6.57
CA GLN A 34 5.54 -3.32 -7.84
C GLN A 34 6.60 -4.39 -8.14
N ILE A 35 7.84 -4.06 -7.92
CA ILE A 35 8.93 -5.01 -8.13
C ILE A 35 9.29 -5.62 -6.79
N GLY A 1 -4.69 11.10 -4.45
CA GLY A 1 -3.89 10.91 -3.23
C GLY A 1 -3.46 9.48 -3.07
N CYS A 2 -2.18 9.30 -2.91
CA CYS A 2 -1.61 8.00 -2.73
C CYS A 2 -0.83 7.96 -1.45
N LEU A 3 -0.37 6.80 -1.09
CA LEU A 3 0.40 6.62 0.09
C LEU A 3 1.85 6.38 -0.29
N GLY A 4 2.66 6.16 0.69
CA GLY A 4 4.05 5.88 0.48
C GLY A 4 4.32 4.44 0.74
N ILE A 5 5.49 4.02 0.37
CA ILE A 5 5.85 2.63 0.45
C ILE A 5 5.91 2.09 1.87
N TRP A 6 6.54 2.80 2.71
CA TRP A 6 6.72 2.36 4.04
C TRP A 6 5.64 2.86 4.93
N LYS A 7 4.57 3.32 4.34
CA LYS A 7 3.52 3.88 5.08
C LYS A 7 2.54 2.82 5.45
N ALA A 8 2.14 2.86 6.69
CA ALA A 8 1.23 1.89 7.24
C ALA A 8 -0.18 2.18 6.74
N CYS A 9 -0.62 1.37 5.85
CA CYS A 9 -1.92 1.50 5.24
C CYS A 9 -2.90 0.62 5.96
N ASN A 10 -4.06 0.53 5.44
CA ASN A 10 -5.07 -0.29 6.03
C ASN A 10 -5.38 -1.44 5.12
N PRO A 11 -5.02 -2.67 5.51
CA PRO A 11 -5.27 -3.88 4.70
C PRO A 11 -6.74 -4.07 4.33
N SER A 12 -7.60 -3.76 5.27
CA SER A 12 -9.02 -3.91 5.11
C SER A 12 -9.61 -2.71 4.35
N ASN A 13 -8.81 -1.68 4.14
CA ASN A 13 -9.26 -0.48 3.44
C ASN A 13 -8.25 -0.19 2.37
N ASP A 14 -7.75 -1.29 1.81
CA ASP A 14 -6.70 -1.29 0.80
C ASP A 14 -7.03 -0.40 -0.36
N GLN A 15 -6.14 0.50 -0.63
CA GLN A 15 -6.22 1.31 -1.77
C GLN A 15 -4.80 1.63 -2.20
N CYS A 16 -4.17 2.53 -1.44
CA CYS A 16 -2.82 3.01 -1.70
C CYS A 16 -2.73 3.58 -3.12
N CYS A 17 -1.55 3.60 -3.70
CA CYS A 17 -1.42 4.11 -5.02
C CYS A 17 -1.49 2.98 -6.00
N LYS A 18 -2.63 2.77 -6.55
CA LYS A 18 -2.78 1.74 -7.54
C LYS A 18 -2.31 2.26 -8.87
N SER A 19 -2.27 3.58 -8.98
CA SER A 19 -1.71 4.23 -10.13
C SER A 19 -0.18 4.00 -10.18
N SER A 20 0.40 3.59 -9.06
CA SER A 20 1.80 3.24 -9.05
C SER A 20 1.95 1.74 -8.82
N LYS A 21 0.82 1.06 -8.78
CA LYS A 21 0.71 -0.40 -8.62
C LYS A 21 1.12 -0.90 -7.23
N LEU A 22 0.81 -0.14 -6.21
CA LEU A 22 1.07 -0.53 -4.89
C LEU A 22 -0.22 -0.97 -4.27
N VAL A 23 -0.09 -1.93 -3.46
CA VAL A 23 -1.17 -2.49 -2.69
C VAL A 23 -0.76 -2.48 -1.24
N CYS A 24 -1.70 -2.65 -0.38
CA CYS A 24 -1.42 -2.64 1.02
C CYS A 24 -1.07 -4.02 1.49
N SER A 25 -0.01 -4.13 2.22
CA SER A 25 0.39 -5.36 2.77
C SER A 25 -0.35 -5.56 4.10
N ARG A 26 -0.53 -6.79 4.47
CA ARG A 26 -1.34 -7.12 5.61
C ARG A 26 -0.46 -7.42 6.80
N LYS A 27 0.44 -8.34 6.61
CA LYS A 27 1.32 -8.81 7.66
C LYS A 27 2.34 -7.74 8.01
N THR A 28 2.75 -6.98 7.04
CA THR A 28 3.75 -5.97 7.29
C THR A 28 3.13 -4.59 7.41
N ARG A 29 1.98 -4.45 6.78
CA ARG A 29 1.19 -3.25 6.77
C ARG A 29 1.95 -2.04 6.21
N TRP A 30 2.06 -2.01 4.91
CA TRP A 30 2.69 -0.93 4.16
C TRP A 30 2.38 -1.12 2.73
N CYS A 31 2.72 -0.16 1.96
CA CYS A 31 2.42 -0.18 0.60
C CYS A 31 3.51 -0.87 -0.17
N LYS A 32 3.19 -2.00 -0.70
CA LYS A 32 4.16 -2.76 -1.40
C LYS A 32 3.96 -2.70 -2.90
N TRP A 33 5.01 -2.34 -3.56
CA TRP A 33 5.08 -2.36 -4.99
C TRP A 33 5.75 -3.66 -5.41
N GLN A 34 6.41 -4.26 -4.43
CA GLN A 34 7.11 -5.52 -4.51
C GLN A 34 7.67 -5.78 -3.12
N ILE A 35 8.07 -4.69 -2.50
CA ILE A 35 8.54 -4.63 -1.15
C ILE A 35 7.89 -3.42 -0.51
N GLY A 1 -0.52 12.93 -0.96
CA GLY A 1 -0.78 12.20 -2.19
C GLY A 1 -1.30 10.84 -1.86
N CYS A 2 -0.89 9.87 -2.61
CA CYS A 2 -1.27 8.51 -2.35
C CYS A 2 -0.32 7.89 -1.34
N LEU A 3 -0.44 6.62 -1.12
CA LEU A 3 0.39 5.97 -0.19
C LEU A 3 1.57 5.37 -0.90
N GLY A 4 2.74 5.79 -0.48
CA GLY A 4 3.95 5.22 -0.96
C GLY A 4 4.22 3.91 -0.26
N ILE A 5 5.37 3.38 -0.51
CA ILE A 5 5.74 2.07 -0.10
C ILE A 5 5.83 1.91 1.42
N TRP A 6 6.34 2.88 2.06
CA TRP A 6 6.52 2.79 3.47
C TRP A 6 5.39 3.43 4.21
N LYS A 7 4.32 3.68 3.54
CA LYS A 7 3.20 4.32 4.14
C LYS A 7 2.33 3.32 4.86
N ALA A 8 1.71 3.75 5.92
CA ALA A 8 0.88 2.90 6.72
C ALA A 8 -0.53 2.86 6.17
N CYS A 9 -0.85 1.78 5.54
CA CYS A 9 -2.15 1.60 4.95
C CYS A 9 -3.06 0.85 5.88
N ASN A 10 -4.22 0.52 5.37
CA ASN A 10 -5.19 -0.23 6.07
C ASN A 10 -5.35 -1.58 5.39
N PRO A 11 -4.81 -2.65 5.98
CA PRO A 11 -4.89 -4.02 5.41
C PRO A 11 -6.32 -4.44 5.02
N SER A 12 -7.29 -4.02 5.80
CA SER A 12 -8.67 -4.37 5.57
C SER A 12 -9.36 -3.39 4.59
N ASN A 13 -8.64 -2.41 4.11
CA ASN A 13 -9.19 -1.46 3.17
C ASN A 13 -8.09 -0.99 2.28
N ASP A 14 -7.72 -1.86 1.39
CA ASP A 14 -6.61 -1.62 0.51
C ASP A 14 -6.93 -0.60 -0.54
N GLN A 15 -6.25 0.49 -0.49
CA GLN A 15 -6.34 1.47 -1.51
C GLN A 15 -4.95 1.84 -2.01
N CYS A 16 -4.13 2.40 -1.11
CA CYS A 16 -2.74 2.79 -1.39
C CYS A 16 -2.62 3.59 -2.72
N CYS A 17 -1.46 3.58 -3.32
CA CYS A 17 -1.27 4.26 -4.58
C CYS A 17 -1.47 3.28 -5.69
N LYS A 18 -2.58 3.38 -6.31
CA LYS A 18 -2.92 2.50 -7.42
C LYS A 18 -2.19 2.92 -8.65
N SER A 19 -1.84 4.18 -8.70
CA SER A 19 -1.11 4.74 -9.80
C SER A 19 0.35 4.24 -9.79
N SER A 20 0.84 3.85 -8.61
CA SER A 20 2.19 3.33 -8.52
C SER A 20 2.14 1.82 -8.37
N LYS A 21 0.93 1.30 -8.46
CA LYS A 21 0.62 -0.12 -8.42
C LYS A 21 1.00 -0.75 -7.07
N LEU A 22 0.76 -0.03 -6.01
CA LEU A 22 1.09 -0.43 -4.72
C LEU A 22 -0.18 -0.84 -4.04
N VAL A 23 -0.10 -1.92 -3.34
CA VAL A 23 -1.22 -2.43 -2.60
C VAL A 23 -0.83 -2.49 -1.14
N CYS A 24 -1.77 -2.60 -0.27
CA CYS A 24 -1.51 -2.66 1.13
C CYS A 24 -1.06 -4.06 1.57
N SER A 25 -0.10 -4.08 2.47
CA SER A 25 0.38 -5.27 3.06
C SER A 25 -0.40 -5.54 4.33
N ARG A 26 -0.73 -6.77 4.49
CA ARG A 26 -1.48 -7.27 5.60
C ARG A 26 -0.50 -8.04 6.45
N LYS A 27 0.57 -8.50 5.78
CA LYS A 27 1.65 -9.22 6.42
C LYS A 27 2.31 -8.31 7.44
N THR A 28 2.10 -7.02 7.27
CA THR A 28 2.52 -6.03 8.23
C THR A 28 1.57 -4.83 8.20
N ARG A 29 1.95 -3.82 7.45
CA ARG A 29 1.23 -2.58 7.27
C ARG A 29 2.13 -1.59 6.56
N TRP A 30 2.13 -1.68 5.27
CA TRP A 30 2.84 -0.80 4.37
C TRP A 30 2.43 -1.16 3.02
N CYS A 31 2.87 -0.47 2.09
CA CYS A 31 2.51 -0.76 0.78
C CYS A 31 3.52 -1.68 0.12
N LYS A 32 3.01 -2.61 -0.63
CA LYS A 32 3.81 -3.57 -1.31
C LYS A 32 4.23 -2.99 -2.60
N TRP A 33 5.49 -3.11 -2.88
CA TRP A 33 6.03 -2.58 -4.08
C TRP A 33 5.63 -3.50 -5.22
N GLN A 34 5.39 -2.92 -6.39
CA GLN A 34 4.97 -3.69 -7.55
C GLN A 34 6.05 -4.68 -7.96
N ILE A 35 7.29 -4.31 -7.74
CA ILE A 35 8.42 -5.17 -8.03
C ILE A 35 8.75 -5.94 -6.75
N GLY A 1 -4.92 9.95 -5.51
CA GLY A 1 -3.89 10.06 -4.49
C GLY A 1 -3.20 8.75 -4.29
N CYS A 2 -2.10 8.78 -3.60
CA CYS A 2 -1.34 7.60 -3.30
C CYS A 2 -0.76 7.70 -1.91
N LEU A 3 -0.18 6.64 -1.46
CA LEU A 3 0.45 6.58 -0.19
C LEU A 3 1.90 6.33 -0.41
N GLY A 4 2.60 6.11 0.64
CA GLY A 4 4.00 5.85 0.55
C GLY A 4 4.27 4.43 0.82
N ILE A 5 5.40 3.97 0.38
CA ILE A 5 5.76 2.60 0.49
C ILE A 5 6.02 2.20 1.93
N TRP A 6 6.50 3.10 2.69
CA TRP A 6 6.82 2.86 4.05
C TRP A 6 5.64 3.16 4.96
N LYS A 7 4.51 3.49 4.38
CA LYS A 7 3.41 3.94 5.15
C LYS A 7 2.45 2.83 5.45
N ALA A 8 2.00 2.81 6.68
CA ALA A 8 1.12 1.79 7.18
C ALA A 8 -0.30 2.12 6.81
N CYS A 9 -0.86 1.35 5.96
CA CYS A 9 -2.21 1.52 5.48
C CYS A 9 -3.13 0.49 6.10
N ASN A 10 -4.35 0.46 5.64
CA ASN A 10 -5.28 -0.48 6.14
C ASN A 10 -5.55 -1.50 5.09
N PRO A 11 -5.17 -2.76 5.32
CA PRO A 11 -5.44 -3.88 4.39
C PRO A 11 -6.94 -4.03 4.14
N SER A 12 -7.72 -3.74 5.16
CA SER A 12 -9.16 -3.81 5.12
C SER A 12 -9.73 -2.72 4.20
N ASN A 13 -8.98 -1.66 4.00
CA ASN A 13 -9.42 -0.53 3.19
C ASN A 13 -8.33 -0.26 2.20
N ASP A 14 -7.77 -1.34 1.67
CA ASP A 14 -6.64 -1.27 0.74
C ASP A 14 -6.90 -0.31 -0.39
N GLN A 15 -6.04 0.65 -0.50
CA GLN A 15 -6.13 1.65 -1.51
C GLN A 15 -4.74 1.96 -2.01
N CYS A 16 -3.98 2.71 -1.22
CA CYS A 16 -2.61 3.08 -1.54
C CYS A 16 -2.53 3.69 -2.97
N CYS A 17 -1.47 3.45 -3.68
CA CYS A 17 -1.31 4.01 -4.99
C CYS A 17 -1.77 3.03 -6.05
N LYS A 18 -2.84 3.35 -6.69
CA LYS A 18 -3.34 2.53 -7.80
C LYS A 18 -2.52 2.84 -9.03
N SER A 19 -2.04 4.05 -9.07
CA SER A 19 -1.26 4.58 -10.17
C SER A 19 0.10 3.85 -10.28
N SER A 20 0.62 3.35 -9.17
CA SER A 20 1.90 2.69 -9.18
C SER A 20 1.74 1.24 -8.80
N LYS A 21 0.48 0.82 -8.66
CA LYS A 21 0.10 -0.56 -8.37
C LYS A 21 0.63 -1.01 -7.01
N LEU A 22 0.59 -0.13 -6.05
CA LEU A 22 1.06 -0.43 -4.77
C LEU A 22 -0.14 -0.84 -3.98
N VAL A 23 -0.04 -1.96 -3.41
CA VAL A 23 -1.10 -2.59 -2.64
C VAL A 23 -0.72 -2.55 -1.17
N CYS A 24 -1.67 -2.59 -0.32
CA CYS A 24 -1.42 -2.55 1.09
C CYS A 24 -1.10 -3.94 1.62
N SER A 25 -0.06 -4.01 2.41
CA SER A 25 0.35 -5.20 3.06
C SER A 25 -0.39 -5.36 4.37
N ARG A 26 -0.56 -6.58 4.75
CA ARG A 26 -1.22 -6.94 5.98
C ARG A 26 -0.18 -7.56 6.88
N LYS A 27 0.65 -8.40 6.25
CA LYS A 27 1.70 -9.14 6.92
C LYS A 27 2.72 -8.21 7.51
N THR A 28 2.97 -7.13 6.81
CA THR A 28 3.96 -6.18 7.28
C THR A 28 3.33 -4.80 7.51
N ARG A 29 2.22 -4.58 6.82
CA ARG A 29 1.44 -3.34 6.85
C ARG A 29 2.23 -2.13 6.38
N TRP A 30 2.22 -1.96 5.09
CA TRP A 30 2.82 -0.88 4.36
C TRP A 30 2.40 -1.03 2.97
N CYS A 31 2.83 -0.17 2.16
CA CYS A 31 2.52 -0.28 0.80
C CYS A 31 3.57 -1.15 0.14
N LYS A 32 3.15 -2.05 -0.70
CA LYS A 32 4.06 -2.98 -1.32
C LYS A 32 4.64 -2.34 -2.53
N TRP A 33 5.87 -2.65 -2.79
CA TRP A 33 6.61 -2.05 -3.85
C TRP A 33 6.32 -2.77 -5.14
N GLN A 34 6.31 -2.02 -6.24
CA GLN A 34 6.01 -2.55 -7.55
C GLN A 34 7.08 -3.54 -8.03
N ILE A 35 8.31 -3.35 -7.58
CA ILE A 35 9.38 -4.26 -7.95
C ILE A 35 9.43 -5.43 -6.97
N GLY A 1 -3.61 12.43 -4.70
CA GLY A 1 -2.31 11.80 -4.52
C GLY A 1 -2.49 10.40 -4.03
N CYS A 2 -1.55 9.92 -3.23
CA CYS A 2 -1.60 8.58 -2.72
C CYS A 2 -0.60 8.38 -1.59
N LEU A 3 -0.51 7.15 -1.12
CA LEU A 3 0.44 6.77 -0.11
C LEU A 3 1.76 6.42 -0.76
N GLY A 4 2.62 5.87 0.03
CA GLY A 4 3.93 5.47 -0.40
C GLY A 4 4.18 4.07 0.01
N ILE A 5 5.34 3.57 -0.31
CA ILE A 5 5.69 2.21 -0.10
C ILE A 5 5.83 1.86 1.37
N TRP A 6 6.38 2.75 2.11
CA TRP A 6 6.63 2.54 3.50
C TRP A 6 5.49 3.05 4.34
N LYS A 7 4.38 3.34 3.71
CA LYS A 7 3.28 3.92 4.40
C LYS A 7 2.32 2.88 4.89
N ALA A 8 1.89 3.07 6.09
CA ALA A 8 0.99 2.15 6.75
C ALA A 8 -0.40 2.31 6.19
N CYS A 9 -0.85 1.28 5.57
CA CYS A 9 -2.15 1.23 4.97
C CYS A 9 -3.08 0.41 5.83
N ASN A 10 -4.23 0.17 5.32
CA ASN A 10 -5.21 -0.59 6.00
C ASN A 10 -5.56 -1.80 5.16
N PRO A 11 -5.29 -3.02 5.66
CA PRO A 11 -5.66 -4.27 4.98
C PRO A 11 -7.13 -4.34 4.60
N SER A 12 -7.97 -3.77 5.43
CA SER A 12 -9.41 -3.77 5.21
C SER A 12 -9.82 -2.57 4.33
N ASN A 13 -8.84 -1.85 3.83
CA ASN A 13 -9.08 -0.71 2.96
C ASN A 13 -7.90 -0.61 2.04
N ASP A 14 -7.73 -1.62 1.24
CA ASP A 14 -6.61 -1.70 0.33
C ASP A 14 -6.81 -0.71 -0.78
N GLN A 15 -5.96 0.25 -0.83
CA GLN A 15 -6.03 1.28 -1.82
C GLN A 15 -4.63 1.69 -2.19
N CYS A 16 -4.01 2.46 -1.29
CA CYS A 16 -2.67 2.98 -1.46
C CYS A 16 -2.55 3.71 -2.81
N CYS A 17 -1.40 3.69 -3.42
CA CYS A 17 -1.22 4.38 -4.65
C CYS A 17 -1.57 3.48 -5.80
N LYS A 18 -2.64 3.80 -6.45
CA LYS A 18 -3.10 3.05 -7.61
C LYS A 18 -2.33 3.46 -8.86
N SER A 19 -1.63 4.55 -8.76
CA SER A 19 -0.79 5.01 -9.83
C SER A 19 0.53 4.24 -9.81
N SER A 20 0.95 3.82 -8.62
CA SER A 20 2.18 3.11 -8.48
C SER A 20 1.90 1.63 -8.33
N LYS A 21 0.61 1.32 -8.33
CA LYS A 21 0.08 -0.02 -8.23
C LYS A 21 0.59 -0.70 -6.95
N LEU A 22 0.26 -0.14 -5.84
CA LEU A 22 0.71 -0.62 -4.61
C LEU A 22 -0.44 -1.16 -3.82
N VAL A 23 -0.23 -2.30 -3.31
CA VAL A 23 -1.22 -3.00 -2.50
C VAL A 23 -0.85 -2.90 -1.05
N CYS A 24 -1.76 -3.21 -0.19
CA CYS A 24 -1.53 -3.11 1.21
C CYS A 24 -1.06 -4.43 1.78
N SER A 25 -0.06 -4.37 2.59
CA SER A 25 0.41 -5.50 3.29
C SER A 25 -0.27 -5.59 4.64
N ARG A 26 -0.49 -6.77 5.06
CA ARG A 26 -1.15 -7.06 6.30
C ARG A 26 -0.14 -7.61 7.28
N LYS A 27 0.85 -8.28 6.76
CA LYS A 27 1.86 -8.86 7.60
C LYS A 27 2.88 -7.83 8.00
N THR A 28 2.95 -6.77 7.25
CA THR A 28 3.91 -5.70 7.59
C THR A 28 3.24 -4.34 7.73
N ARG A 29 2.09 -4.21 7.10
CA ARG A 29 1.29 -3.00 7.07
C ARG A 29 2.01 -1.80 6.42
N TRP A 30 2.16 -1.92 5.14
CA TRP A 30 2.70 -0.91 4.27
C TRP A 30 2.40 -1.29 2.89
N CYS A 31 2.75 -0.49 1.98
CA CYS A 31 2.43 -0.72 0.64
C CYS A 31 3.46 -1.58 -0.06
N LYS A 32 3.01 -2.63 -0.68
CA LYS A 32 3.86 -3.52 -1.40
C LYS A 32 3.99 -3.04 -2.80
N TRP A 33 5.16 -3.13 -3.31
CA TRP A 33 5.48 -2.62 -4.60
C TRP A 33 4.98 -3.58 -5.68
N GLN A 34 4.60 -3.02 -6.81
CA GLN A 34 4.04 -3.75 -7.94
C GLN A 34 4.99 -4.83 -8.48
N ILE A 35 6.26 -4.53 -8.46
CA ILE A 35 7.27 -5.46 -8.93
C ILE A 35 7.39 -6.62 -7.94
N GLY A 1 -4.58 10.02 -5.07
CA GLY A 1 -4.00 9.87 -3.74
C GLY A 1 -3.33 8.54 -3.64
N CYS A 2 -2.17 8.52 -3.07
CA CYS A 2 -1.44 7.31 -2.88
C CYS A 2 -0.86 7.26 -1.50
N LEU A 3 -0.24 6.17 -1.21
CA LEU A 3 0.45 5.96 0.00
C LEU A 3 1.86 5.65 -0.38
N GLY A 4 2.80 6.19 0.36
CA GLY A 4 4.18 5.87 0.17
C GLY A 4 4.45 4.43 0.49
N ILE A 5 5.64 4.00 0.20
CA ILE A 5 5.99 2.63 0.34
C ILE A 5 6.01 2.20 1.81
N TRP A 6 6.42 3.08 2.64
CA TRP A 6 6.50 2.84 4.04
C TRP A 6 5.29 3.33 4.77
N LYS A 7 4.22 3.50 4.05
CA LYS A 7 3.00 3.92 4.65
C LYS A 7 2.18 2.75 5.10
N ALA A 8 1.52 2.95 6.18
CA ALA A 8 0.70 1.93 6.76
C ALA A 8 -0.72 2.16 6.30
N CYS A 9 -1.28 1.17 5.71
CA CYS A 9 -2.62 1.26 5.17
C CYS A 9 -3.64 0.72 6.13
N ASN A 10 -4.83 0.68 5.65
CA ASN A 10 -5.94 0.07 6.29
C ASN A 10 -6.18 -1.23 5.56
N PRO A 11 -5.86 -2.38 6.16
CA PRO A 11 -6.08 -3.70 5.53
C PRO A 11 -7.49 -3.90 4.97
N SER A 12 -8.47 -3.33 5.65
CA SER A 12 -9.85 -3.46 5.26
C SER A 12 -10.18 -2.57 4.04
N ASN A 13 -9.35 -1.59 3.76
CA ASN A 13 -9.60 -0.68 2.68
C ASN A 13 -8.30 -0.23 2.09
N ASP A 14 -7.62 -1.20 1.53
CA ASP A 14 -6.33 -0.95 0.97
C ASP A 14 -6.45 -0.39 -0.42
N GLN A 15 -5.81 0.71 -0.61
CA GLN A 15 -5.79 1.38 -1.85
C GLN A 15 -4.35 1.54 -2.26
N CYS A 16 -3.56 2.10 -1.33
CA CYS A 16 -2.15 2.38 -1.54
C CYS A 16 -2.03 3.27 -2.79
N CYS A 17 -0.96 3.15 -3.51
CA CYS A 17 -0.84 3.92 -4.68
C CYS A 17 -1.44 3.17 -5.82
N LYS A 18 -2.64 3.52 -6.10
CA LYS A 18 -3.37 2.92 -7.20
C LYS A 18 -2.86 3.46 -8.53
N SER A 19 -2.23 4.62 -8.46
CA SER A 19 -1.66 5.26 -9.61
C SER A 19 -0.33 4.59 -10.02
N SER A 20 0.35 3.96 -9.07
CA SER A 20 1.60 3.29 -9.38
C SER A 20 1.42 1.79 -9.33
N LYS A 21 0.21 1.37 -8.98
CA LYS A 21 -0.19 -0.02 -8.89
C LYS A 21 0.61 -0.76 -7.80
N LEU A 22 0.45 -0.30 -6.58
CA LEU A 22 1.08 -0.84 -5.46
C LEU A 22 0.00 -1.35 -4.54
N VAL A 23 0.33 -2.35 -3.81
CA VAL A 23 -0.59 -2.94 -2.86
C VAL A 23 0.01 -2.88 -1.48
N CYS A 24 -0.80 -2.84 -0.48
CA CYS A 24 -0.29 -2.78 0.86
C CYS A 24 -0.44 -4.11 1.55
N SER A 25 0.52 -4.42 2.37
CA SER A 25 0.59 -5.63 3.06
C SER A 25 -0.19 -5.59 4.36
N ARG A 26 -0.45 -6.74 4.89
CA ARG A 26 -1.16 -6.88 6.13
C ARG A 26 -0.20 -7.37 7.19
N LYS A 27 0.65 -8.33 6.80
CA LYS A 27 1.61 -8.93 7.72
C LYS A 27 2.71 -7.94 8.07
N THR A 28 2.93 -6.99 7.20
CA THR A 28 3.93 -5.97 7.45
C THR A 28 3.30 -4.58 7.56
N ARG A 29 2.17 -4.44 6.90
CA ARG A 29 1.41 -3.21 6.83
C ARG A 29 2.23 -2.03 6.29
N TRP A 30 2.54 -2.13 5.03
CA TRP A 30 3.15 -1.11 4.23
C TRP A 30 2.97 -1.48 2.82
N CYS A 31 3.24 -0.57 1.99
CA CYS A 31 3.04 -0.71 0.60
C CYS A 31 4.20 -1.42 -0.04
N LYS A 32 3.91 -2.32 -0.93
CA LYS A 32 4.91 -3.01 -1.65
C LYS A 32 5.16 -2.30 -2.94
N TRP A 33 6.39 -2.21 -3.31
CA TRP A 33 6.77 -1.41 -4.41
C TRP A 33 7.00 -2.26 -5.66
N GLN A 34 6.68 -1.67 -6.81
CA GLN A 34 6.73 -2.32 -8.12
C GLN A 34 8.12 -2.85 -8.47
N ILE A 35 9.16 -2.21 -7.98
CA ILE A 35 10.51 -2.65 -8.25
C ILE A 35 10.98 -3.51 -7.06
N GLY A 1 -1.34 12.12 -3.55
CA GLY A 1 -2.61 11.81 -2.89
C GLY A 1 -2.86 10.33 -2.79
N CYS A 2 -1.91 9.60 -2.24
CA CYS A 2 -2.03 8.17 -2.09
C CYS A 2 -1.04 7.72 -1.05
N LEU A 3 -0.89 6.44 -0.92
CA LEU A 3 0.01 5.88 0.04
C LEU A 3 1.26 5.48 -0.67
N GLY A 4 2.35 5.75 -0.04
CA GLY A 4 3.64 5.38 -0.55
C GLY A 4 4.06 4.04 -0.05
N ILE A 5 5.27 3.69 -0.37
CA ILE A 5 5.80 2.39 -0.09
C ILE A 5 6.04 2.16 1.40
N TRP A 6 6.45 3.17 2.07
CA TRP A 6 6.75 3.05 3.46
C TRP A 6 5.56 3.45 4.31
N LYS A 7 4.43 3.47 3.68
CA LYS A 7 3.23 3.86 4.31
C LYS A 7 2.41 2.68 4.69
N ALA A 8 1.74 2.83 5.79
CA ALA A 8 0.87 1.83 6.32
C ALA A 8 -0.53 2.13 5.87
N CYS A 9 -1.23 1.14 5.47
CA CYS A 9 -2.59 1.28 5.01
C CYS A 9 -3.55 0.96 6.10
N ASN A 10 -4.77 0.94 5.73
CA ASN A 10 -5.84 0.47 6.52
C ASN A 10 -6.18 -0.90 5.99
N PRO A 11 -5.76 -1.98 6.69
CA PRO A 11 -5.96 -3.39 6.26
C PRO A 11 -7.40 -3.72 5.84
N SER A 12 -8.33 -3.02 6.42
CA SER A 12 -9.73 -3.20 6.15
C SER A 12 -10.14 -2.70 4.75
N ASN A 13 -9.33 -1.84 4.12
CA ASN A 13 -9.66 -1.32 2.81
C ASN A 13 -8.43 -0.81 2.14
N ASP A 14 -7.71 -1.73 1.56
CA ASP A 14 -6.51 -1.41 0.88
C ASP A 14 -6.74 -0.98 -0.56
N GLN A 15 -6.17 0.14 -0.90
CA GLN A 15 -6.13 0.63 -2.24
C GLN A 15 -4.72 1.14 -2.52
N CYS A 16 -4.17 1.86 -1.52
CA CYS A 16 -2.83 2.45 -1.56
C CYS A 16 -2.66 3.28 -2.85
N CYS A 17 -1.47 3.37 -3.39
CA CYS A 17 -1.29 4.14 -4.60
C CYS A 17 -1.41 3.22 -5.78
N LYS A 18 -2.55 3.19 -6.35
CA LYS A 18 -2.82 2.35 -7.49
C LYS A 18 -2.17 2.92 -8.74
N SER A 19 -1.86 4.21 -8.70
CA SER A 19 -1.17 4.86 -9.77
C SER A 19 0.31 4.43 -9.79
N SER A 20 0.84 4.03 -8.63
CA SER A 20 2.21 3.58 -8.58
C SER A 20 2.25 2.07 -8.52
N LYS A 21 1.05 1.50 -8.56
CA LYS A 21 0.81 0.06 -8.54
C LYS A 21 1.26 -0.54 -7.21
N LEU A 22 1.09 0.24 -6.19
CA LEU A 22 1.43 -0.12 -4.87
C LEU A 22 0.19 -0.62 -4.21
N VAL A 23 0.31 -1.75 -3.68
CA VAL A 23 -0.71 -2.41 -2.91
C VAL A 23 -0.15 -2.67 -1.53
N CYS A 24 -0.95 -2.50 -0.53
CA CYS A 24 -0.44 -2.63 0.80
C CYS A 24 -0.43 -4.07 1.27
N SER A 25 0.54 -4.38 2.06
CA SER A 25 0.69 -5.64 2.64
C SER A 25 -0.04 -5.62 3.99
N ARG A 26 -0.52 -6.74 4.44
CA ARG A 26 -1.40 -6.74 5.59
C ARG A 26 -0.67 -7.12 6.85
N LYS A 27 0.13 -8.15 6.77
CA LYS A 27 0.81 -8.65 7.93
C LYS A 27 2.02 -7.82 8.21
N THR A 28 2.56 -7.25 7.17
CA THR A 28 3.74 -6.42 7.35
C THR A 28 3.31 -4.97 7.49
N ARG A 29 2.26 -4.65 6.76
CA ARG A 29 1.60 -3.36 6.75
C ARG A 29 2.49 -2.21 6.25
N TRP A 30 2.86 -2.34 5.02
CA TRP A 30 3.54 -1.33 4.23
C TRP A 30 3.20 -1.60 2.83
N CYS A 31 3.36 -0.63 2.03
CA CYS A 31 2.91 -0.73 0.69
C CYS A 31 4.01 -1.20 -0.24
N LYS A 32 3.67 -2.01 -1.21
CA LYS A 32 4.64 -2.51 -2.15
C LYS A 32 4.05 -2.61 -3.55
N TRP A 33 4.79 -2.14 -4.49
CA TRP A 33 4.41 -2.19 -5.86
C TRP A 33 5.05 -3.37 -6.53
N GLN A 34 6.32 -3.48 -6.35
CA GLN A 34 7.08 -4.62 -6.84
C GLN A 34 8.05 -5.09 -5.78
N ILE A 35 8.70 -4.16 -5.12
CA ILE A 35 9.62 -4.48 -4.06
C ILE A 35 8.93 -4.36 -2.70
N GLY A 1 -2.58 11.38 -5.55
CA GLY A 1 -2.79 11.13 -4.13
C GLY A 1 -2.57 9.69 -3.81
N CYS A 2 -1.43 9.39 -3.25
CA CYS A 2 -1.09 8.04 -2.90
C CYS A 2 -0.41 8.01 -1.56
N LEU A 3 -0.17 6.80 -1.08
CA LEU A 3 0.60 6.57 0.10
C LEU A 3 2.01 6.26 -0.36
N GLY A 4 2.83 5.89 0.55
CA GLY A 4 4.18 5.56 0.25
C GLY A 4 4.44 4.14 0.54
N ILE A 5 5.55 3.64 0.07
CA ILE A 5 5.90 2.27 0.21
C ILE A 5 6.10 1.89 1.67
N TRP A 6 6.64 2.78 2.41
CA TRP A 6 6.90 2.55 3.79
C TRP A 6 5.82 3.14 4.65
N LYS A 7 4.70 3.42 4.06
CA LYS A 7 3.63 3.98 4.77
C LYS A 7 2.58 2.95 5.06
N ALA A 8 2.00 3.06 6.22
CA ALA A 8 0.99 2.15 6.68
C ALA A 8 -0.32 2.38 5.92
N CYS A 9 -0.74 1.37 5.25
CA CYS A 9 -1.97 1.36 4.50
C CYS A 9 -3.07 0.75 5.34
N ASN A 10 -4.20 0.54 4.74
CA ASN A 10 -5.30 -0.05 5.40
C ASN A 10 -5.38 -1.51 4.97
N PRO A 11 -4.98 -2.45 5.82
CA PRO A 11 -5.00 -3.89 5.49
C PRO A 11 -6.38 -4.39 5.09
N SER A 12 -7.37 -3.81 5.69
CA SER A 12 -8.73 -4.20 5.45
C SER A 12 -9.34 -3.39 4.31
N ASN A 13 -8.67 -2.35 3.87
CA ASN A 13 -9.19 -1.45 2.85
C ASN A 13 -8.08 -1.12 1.92
N ASP A 14 -7.78 -2.06 1.08
CA ASP A 14 -6.66 -1.97 0.19
C ASP A 14 -6.86 -0.88 -0.84
N GLN A 15 -5.97 0.07 -0.85
CA GLN A 15 -6.04 1.20 -1.74
C GLN A 15 -4.63 1.66 -2.12
N CYS A 16 -3.97 2.36 -1.19
CA CYS A 16 -2.62 2.89 -1.38
C CYS A 16 -2.51 3.68 -2.71
N CYS A 17 -1.46 3.48 -3.47
CA CYS A 17 -1.27 4.19 -4.70
C CYS A 17 -1.81 3.41 -5.85
N LYS A 18 -2.87 3.88 -6.41
CA LYS A 18 -3.51 3.22 -7.54
C LYS A 18 -2.69 3.51 -8.77
N SER A 19 -2.10 4.68 -8.78
CA SER A 19 -1.31 5.18 -9.87
C SER A 19 -0.07 4.29 -10.12
N SER A 20 0.52 3.78 -9.05
CA SER A 20 1.72 3.00 -9.17
C SER A 20 1.45 1.53 -8.90
N LYS A 21 0.20 1.24 -8.61
CA LYS A 21 -0.29 -0.12 -8.35
C LYS A 21 0.36 -0.72 -7.12
N LEU A 22 0.43 0.07 -6.07
CA LEU A 22 0.98 -0.34 -4.88
C LEU A 22 -0.17 -0.73 -4.01
N VAL A 23 -0.08 -1.88 -3.52
CA VAL A 23 -1.13 -2.48 -2.74
C VAL A 23 -0.75 -2.51 -1.26
N CYS A 24 -1.63 -2.96 -0.43
CA CYS A 24 -1.39 -2.97 0.98
C CYS A 24 -0.87 -4.32 1.48
N SER A 25 0.00 -4.27 2.46
CA SER A 25 0.49 -5.40 3.13
C SER A 25 -0.36 -5.64 4.39
N ARG A 26 -0.51 -6.87 4.76
CA ARG A 26 -1.44 -7.21 5.81
C ARG A 26 -0.72 -7.51 7.11
N LYS A 27 0.32 -8.30 7.02
CA LYS A 27 1.08 -8.73 8.19
C LYS A 27 1.93 -7.59 8.67
N THR A 28 2.41 -6.85 7.72
CA THR A 28 3.37 -5.79 8.00
C THR A 28 2.75 -4.41 7.94
N ARG A 29 1.73 -4.27 7.11
CA ARG A 29 1.02 -3.04 6.88
C ARG A 29 1.92 -1.90 6.36
N TRP A 30 2.08 -1.90 5.09
CA TRP A 30 2.79 -0.90 4.31
C TRP A 30 2.47 -1.17 2.90
N CYS A 31 2.87 -0.35 2.07
CA CYS A 31 2.57 -0.49 0.72
C CYS A 31 3.58 -1.37 0.02
N LYS A 32 3.09 -2.26 -0.80
CA LYS A 32 3.95 -3.16 -1.51
C LYS A 32 4.37 -2.49 -2.76
N TRP A 33 5.54 -2.81 -3.19
CA TRP A 33 6.09 -2.19 -4.33
C TRP A 33 5.58 -2.91 -5.59
N GLN A 34 5.73 -2.24 -6.72
CA GLN A 34 5.22 -2.72 -8.01
C GLN A 34 5.93 -3.99 -8.48
N ILE A 35 7.13 -4.21 -8.00
CA ILE A 35 7.86 -5.42 -8.33
C ILE A 35 8.12 -6.26 -7.07
N GLY A 1 -2.02 12.62 -3.17
CA GLY A 1 -2.70 11.34 -2.99
C GLY A 1 -1.72 10.24 -2.82
N CYS A 2 -2.22 9.00 -2.83
CA CYS A 2 -1.44 7.78 -2.68
C CYS A 2 -0.84 7.64 -1.29
N LEU A 3 -0.25 6.52 -1.08
CA LEU A 3 0.49 6.22 0.09
C LEU A 3 1.85 5.79 -0.37
N GLY A 4 2.79 5.86 0.51
CA GLY A 4 4.13 5.51 0.19
C GLY A 4 4.44 4.11 0.55
N ILE A 5 5.57 3.66 0.10
CA ILE A 5 6.00 2.32 0.27
C ILE A 5 6.14 1.92 1.73
N TRP A 6 6.57 2.83 2.51
CA TRP A 6 6.77 2.58 3.89
C TRP A 6 5.67 3.18 4.70
N LYS A 7 4.58 3.50 4.05
CA LYS A 7 3.48 4.09 4.75
C LYS A 7 2.50 3.05 5.22
N ALA A 8 1.81 3.38 6.27
CA ALA A 8 0.85 2.52 6.87
C ALA A 8 -0.47 2.65 6.15
N CYS A 9 -0.81 1.62 5.45
CA CYS A 9 -2.04 1.55 4.74
C CYS A 9 -3.07 0.83 5.56
N ASN A 10 -4.19 0.58 4.97
CA ASN A 10 -5.23 -0.14 5.60
C ASN A 10 -5.31 -1.50 4.99
N PRO A 11 -4.90 -2.55 5.69
CA PRO A 11 -5.06 -3.94 5.19
C PRO A 11 -6.54 -4.25 4.96
N SER A 12 -7.37 -3.62 5.76
CA SER A 12 -8.81 -3.74 5.70
C SER A 12 -9.38 -3.05 4.45
N ASN A 13 -8.67 -2.06 3.95
CA ASN A 13 -9.16 -1.22 2.88
C ASN A 13 -8.01 -0.89 2.00
N ASP A 14 -7.70 -1.83 1.16
CA ASP A 14 -6.57 -1.75 0.28
C ASP A 14 -6.77 -0.72 -0.80
N GLN A 15 -5.84 0.17 -0.94
CA GLN A 15 -5.86 1.16 -1.97
C GLN A 15 -4.42 1.58 -2.29
N CYS A 16 -3.82 2.31 -1.34
CA CYS A 16 -2.48 2.85 -1.49
C CYS A 16 -2.40 3.69 -2.78
N CYS A 17 -1.31 3.63 -3.50
CA CYS A 17 -1.23 4.39 -4.72
C CYS A 17 -1.79 3.57 -5.86
N LYS A 18 -2.86 4.05 -6.41
CA LYS A 18 -3.57 3.37 -7.48
C LYS A 18 -2.85 3.59 -8.80
N SER A 19 -2.13 4.67 -8.88
CA SER A 19 -1.38 4.98 -10.06
C SER A 19 -0.17 4.04 -10.18
N SER A 20 0.51 3.80 -9.07
CA SER A 20 1.73 3.05 -9.10
C SER A 20 1.48 1.58 -8.90
N LYS A 21 0.26 1.28 -8.49
CA LYS A 21 -0.21 -0.06 -8.26
C LYS A 21 0.50 -0.67 -7.07
N LEU A 22 0.34 -0.06 -5.93
CA LEU A 22 0.94 -0.49 -4.77
C LEU A 22 -0.15 -1.13 -3.95
N VAL A 23 0.15 -2.23 -3.42
CA VAL A 23 -0.82 -2.98 -2.65
C VAL A 23 -0.42 -2.97 -1.20
N CYS A 24 -1.39 -3.02 -0.37
CA CYS A 24 -1.16 -2.96 1.04
C CYS A 24 -0.82 -4.33 1.58
N SER A 25 0.22 -4.39 2.35
CA SER A 25 0.59 -5.57 3.02
C SER A 25 -0.27 -5.70 4.26
N ARG A 26 -0.62 -6.89 4.59
CA ARG A 26 -1.56 -7.14 5.64
C ARG A 26 -0.85 -7.51 6.91
N LYS A 27 0.18 -8.29 6.76
CA LYS A 27 0.94 -8.75 7.91
C LYS A 27 1.89 -7.67 8.36
N THR A 28 2.32 -6.84 7.45
CA THR A 28 3.32 -5.83 7.82
C THR A 28 2.79 -4.41 7.75
N ARG A 29 1.70 -4.22 7.03
CA ARG A 29 1.03 -2.93 6.88
C ARG A 29 1.96 -1.85 6.29
N TRP A 30 2.14 -1.95 5.01
CA TRP A 30 2.88 -1.00 4.20
C TRP A 30 2.61 -1.28 2.79
N CYS A 31 3.02 -0.44 1.96
CA CYS A 31 2.78 -0.57 0.61
C CYS A 31 3.87 -1.37 -0.08
N LYS A 32 3.45 -2.33 -0.84
CA LYS A 32 4.34 -3.20 -1.55
C LYS A 32 4.67 -2.56 -2.85
N TRP A 33 5.94 -2.43 -3.11
CA TRP A 33 6.45 -1.73 -4.25
C TRP A 33 6.08 -2.42 -5.56
N GLN A 34 5.98 -1.64 -6.62
CA GLN A 34 5.59 -2.10 -7.95
C GLN A 34 6.66 -2.98 -8.60
N ILE A 35 7.83 -2.98 -8.01
CA ILE A 35 8.91 -3.80 -8.44
C ILE A 35 9.20 -4.81 -7.34
N GLY A 1 -3.13 11.63 -4.50
CA GLY A 1 -3.61 10.41 -3.88
C GLY A 1 -2.46 9.56 -3.48
N CYS A 2 -2.67 8.25 -3.44
CA CYS A 2 -1.67 7.27 -3.10
C CYS A 2 -1.18 7.38 -1.66
N LEU A 3 -0.38 6.42 -1.29
CA LEU A 3 0.29 6.39 -0.05
C LEU A 3 1.76 6.23 -0.34
N GLY A 4 2.53 6.05 0.69
CA GLY A 4 3.94 5.87 0.54
C GLY A 4 4.30 4.48 0.86
N ILE A 5 5.44 4.06 0.40
CA ILE A 5 5.88 2.71 0.53
C ILE A 5 6.03 2.28 1.98
N TRP A 6 6.62 3.12 2.75
CA TRP A 6 6.87 2.82 4.13
C TRP A 6 5.71 3.19 5.00
N LYS A 7 4.61 3.55 4.40
CA LYS A 7 3.50 4.00 5.14
C LYS A 7 2.60 2.87 5.47
N ALA A 8 2.10 2.89 6.68
CA ALA A 8 1.21 1.89 7.16
C ALA A 8 -0.17 2.15 6.60
N CYS A 9 -0.63 1.26 5.82
CA CYS A 9 -1.92 1.34 5.20
C CYS A 9 -2.95 0.54 5.96
N ASN A 10 -4.13 0.46 5.42
CA ASN A 10 -5.21 -0.28 5.98
C ASN A 10 -5.51 -1.45 5.11
N PRO A 11 -5.29 -2.67 5.59
CA PRO A 11 -5.58 -3.91 4.84
C PRO A 11 -7.03 -3.99 4.36
N SER A 12 -7.93 -3.52 5.20
CA SER A 12 -9.35 -3.58 4.92
C SER A 12 -9.80 -2.37 4.08
N ASN A 13 -8.88 -1.47 3.79
CA ASN A 13 -9.16 -0.29 2.99
C ASN A 13 -8.04 -0.18 1.96
N ASP A 14 -7.61 -1.36 1.51
CA ASP A 14 -6.49 -1.52 0.58
C ASP A 14 -6.65 -0.65 -0.64
N GLN A 15 -5.76 0.25 -0.77
CA GLN A 15 -5.72 1.15 -1.88
C GLN A 15 -4.29 1.45 -2.21
N CYS A 16 -3.63 2.16 -1.29
CA CYS A 16 -2.27 2.62 -1.48
C CYS A 16 -2.20 3.43 -2.78
N CYS A 17 -1.17 3.27 -3.55
CA CYS A 17 -1.07 4.00 -4.76
C CYS A 17 -1.67 3.22 -5.88
N LYS A 18 -2.84 3.62 -6.26
CA LYS A 18 -3.56 3.02 -7.37
C LYS A 18 -2.78 3.28 -8.64
N SER A 19 -2.27 4.47 -8.72
CA SER A 19 -1.53 4.98 -9.84
C SER A 19 -0.21 4.20 -10.09
N SER A 20 0.35 3.59 -9.05
CA SER A 20 1.59 2.88 -9.22
C SER A 20 1.42 1.40 -8.96
N LYS A 21 0.17 1.00 -8.76
CA LYS A 21 -0.21 -0.39 -8.55
C LYS A 21 0.46 -0.98 -7.32
N LEU A 22 0.51 -0.20 -6.28
CA LEU A 22 1.08 -0.59 -5.07
C LEU A 22 -0.05 -1.04 -4.22
N VAL A 23 0.11 -2.14 -3.62
CA VAL A 23 -0.93 -2.73 -2.82
C VAL A 23 -0.57 -2.62 -1.35
N CYS A 24 -1.52 -2.89 -0.50
CA CYS A 24 -1.30 -2.79 0.90
C CYS A 24 -0.94 -4.14 1.48
N SER A 25 0.08 -4.16 2.28
CA SER A 25 0.49 -5.33 2.96
C SER A 25 -0.36 -5.47 4.22
N ARG A 26 -0.58 -6.67 4.64
CA ARG A 26 -1.41 -6.92 5.78
C ARG A 26 -0.55 -7.19 6.99
N LYS A 27 0.28 -8.21 6.88
CA LYS A 27 1.13 -8.65 7.97
C LYS A 27 2.25 -7.64 8.21
N THR A 28 2.71 -7.04 7.15
CA THR A 28 3.78 -6.09 7.28
C THR A 28 3.22 -4.68 7.35
N ARG A 29 2.06 -4.52 6.74
CA ARG A 29 1.32 -3.28 6.70
C ARG A 29 2.14 -2.08 6.23
N TRP A 30 2.29 -2.01 4.95
CA TRP A 30 3.00 -0.97 4.26
C TRP A 30 2.62 -1.12 2.85
N CYS A 31 3.12 -0.32 2.06
CA CYS A 31 2.82 -0.35 0.72
C CYS A 31 3.82 -1.21 0.00
N LYS A 32 3.33 -2.13 -0.78
CA LYS A 32 4.18 -3.03 -1.47
C LYS A 32 4.63 -2.43 -2.76
N TRP A 33 5.92 -2.38 -2.91
CA TRP A 33 6.52 -1.78 -4.05
C TRP A 33 6.49 -2.75 -5.23
N GLN A 34 6.48 -2.20 -6.42
CA GLN A 34 6.37 -2.96 -7.66
C GLN A 34 7.58 -3.85 -7.93
N ILE A 35 8.68 -3.53 -7.30
CA ILE A 35 9.89 -4.35 -7.39
C ILE A 35 10.41 -4.67 -5.99
N GLY A 1 -6.11 9.73 -3.32
CA GLY A 1 -4.79 9.88 -2.76
C GLY A 1 -4.00 8.61 -2.88
N CYS A 2 -2.75 8.66 -2.54
CA CYS A 2 -1.88 7.52 -2.59
C CYS A 2 -1.21 7.30 -1.26
N LEU A 3 -0.37 6.32 -1.18
CA LEU A 3 0.41 6.02 -0.04
C LEU A 3 1.77 5.55 -0.54
N GLY A 4 2.79 5.77 0.24
CA GLY A 4 4.11 5.34 -0.10
C GLY A 4 4.37 3.98 0.42
N ILE A 5 5.49 3.43 0.04
CA ILE A 5 5.85 2.10 0.37
C ILE A 5 6.00 1.90 1.85
N TRP A 6 6.64 2.81 2.47
CA TRP A 6 6.92 2.72 3.87
C TRP A 6 5.82 3.33 4.70
N LYS A 7 4.66 3.50 4.11
CA LYS A 7 3.55 4.06 4.83
C LYS A 7 2.72 3.00 5.48
N ALA A 8 1.91 3.40 6.41
CA ALA A 8 1.03 2.48 7.06
C ALA A 8 -0.31 2.56 6.40
N CYS A 9 -0.67 1.54 5.72
CA CYS A 9 -1.92 1.50 5.02
C CYS A 9 -2.97 0.83 5.86
N ASN A 10 -4.11 0.65 5.27
CA ASN A 10 -5.19 0.00 5.90
C ASN A 10 -5.42 -1.32 5.21
N PRO A 11 -5.08 -2.44 5.86
CA PRO A 11 -5.25 -3.77 5.28
C PRO A 11 -6.69 -4.06 4.87
N SER A 12 -7.61 -3.62 5.69
CA SER A 12 -9.01 -3.87 5.45
C SER A 12 -9.57 -2.95 4.35
N ASN A 13 -8.88 -1.85 4.09
CA ASN A 13 -9.31 -0.90 3.10
C ASN A 13 -8.14 -0.64 2.23
N ASP A 14 -7.86 -1.59 1.40
CA ASP A 14 -6.69 -1.59 0.59
C ASP A 14 -6.84 -0.69 -0.60
N GLN A 15 -6.02 0.29 -0.66
CA GLN A 15 -6.03 1.23 -1.75
C GLN A 15 -4.62 1.56 -2.14
N CYS A 16 -3.94 2.35 -1.29
CA CYS A 16 -2.60 2.82 -1.54
C CYS A 16 -2.55 3.56 -2.89
N CYS A 17 -1.43 3.57 -3.53
CA CYS A 17 -1.37 4.21 -4.81
C CYS A 17 -1.59 3.19 -5.88
N LYS A 18 -2.75 3.21 -6.46
CA LYS A 18 -3.09 2.28 -7.53
C LYS A 18 -2.44 2.76 -8.81
N SER A 19 -2.12 4.03 -8.84
CA SER A 19 -1.47 4.66 -9.97
C SER A 19 -0.01 4.20 -10.06
N SER A 20 0.61 3.97 -8.91
CA SER A 20 2.02 3.57 -8.88
C SER A 20 2.10 2.06 -8.75
N LYS A 21 0.94 1.46 -8.62
CA LYS A 21 0.75 0.03 -8.55
C LYS A 21 1.27 -0.58 -7.25
N LEU A 22 0.89 0.01 -6.14
CA LEU A 22 1.21 -0.48 -4.86
C LEU A 22 -0.07 -0.84 -4.17
N VAL A 23 -0.02 -1.87 -3.46
CA VAL A 23 -1.13 -2.38 -2.72
C VAL A 23 -0.76 -2.48 -1.25
N CYS A 24 -1.73 -2.54 -0.40
CA CYS A 24 -1.51 -2.63 1.01
C CYS A 24 -1.21 -4.06 1.42
N SER A 25 -0.27 -4.21 2.31
CA SER A 25 0.07 -5.45 2.85
C SER A 25 -0.59 -5.58 4.23
N ARG A 26 -0.76 -6.79 4.67
CA ARG A 26 -1.43 -7.04 5.91
C ARG A 26 -0.41 -7.38 6.95
N LYS A 27 0.47 -8.32 6.61
CA LYS A 27 1.50 -8.79 7.49
C LYS A 27 2.47 -7.68 7.83
N THR A 28 2.69 -6.79 6.89
CA THR A 28 3.64 -5.70 7.14
C THR A 28 2.95 -4.34 7.27
N ARG A 29 1.70 -4.28 6.84
CA ARG A 29 0.86 -3.09 6.89
C ARG A 29 1.50 -1.88 6.14
N TRP A 30 2.30 -2.18 5.13
CA TRP A 30 2.89 -1.16 4.26
C TRP A 30 2.47 -1.38 2.86
N CYS A 31 2.87 -0.51 2.01
CA CYS A 31 2.53 -0.55 0.66
C CYS A 31 3.58 -1.27 -0.11
N LYS A 32 3.22 -2.36 -0.67
CA LYS A 32 4.16 -3.16 -1.35
C LYS A 32 3.97 -3.09 -2.84
N TRP A 33 5.07 -2.94 -3.51
CA TRP A 33 5.12 -3.02 -4.94
C TRP A 33 5.73 -4.36 -5.33
N GLN A 34 6.33 -5.01 -4.31
CA GLN A 34 6.97 -6.32 -4.46
C GLN A 34 7.44 -6.84 -3.10
N ILE A 35 7.73 -5.94 -2.17
CA ILE A 35 8.17 -6.33 -0.83
C ILE A 35 6.96 -6.74 0.03
N GLY A 1 -1.90 12.01 -5.38
CA GLY A 1 -1.82 11.78 -3.95
C GLY A 1 -2.11 10.34 -3.62
N CYS A 2 -1.27 9.72 -2.83
CA CYS A 2 -1.42 8.34 -2.44
C CYS A 2 -0.47 7.96 -1.33
N LEU A 3 -0.43 6.69 -1.01
CA LEU A 3 0.42 6.19 0.02
C LEU A 3 1.66 5.62 -0.62
N GLY A 4 2.76 5.90 0.00
CA GLY A 4 4.04 5.41 -0.46
C GLY A 4 4.32 4.04 0.03
N ILE A 5 5.49 3.56 -0.25
CA ILE A 5 5.86 2.21 0.01
C ILE A 5 5.95 1.86 1.50
N TRP A 6 6.46 2.76 2.25
CA TRP A 6 6.63 2.53 3.66
C TRP A 6 5.47 3.11 4.44
N LYS A 7 4.44 3.47 3.74
CA LYS A 7 3.34 4.10 4.37
C LYS A 7 2.35 3.12 4.92
N ALA A 8 1.71 3.53 5.98
CA ALA A 8 0.76 2.70 6.66
C ALA A 8 -0.56 2.75 5.97
N CYS A 9 -0.89 1.67 5.36
CA CYS A 9 -2.13 1.51 4.68
C CYS A 9 -3.11 0.84 5.58
N ASN A 10 -4.24 0.51 5.04
CA ASN A 10 -5.26 -0.14 5.77
C ASN A 10 -5.27 -1.61 5.40
N PRO A 11 -4.80 -2.50 6.27
CA PRO A 11 -4.82 -3.95 6.04
C PRO A 11 -6.20 -4.50 5.64
N SER A 12 -7.24 -3.90 6.15
CA SER A 12 -8.59 -4.32 5.85
C SER A 12 -9.19 -3.51 4.67
N ASN A 13 -8.43 -2.60 4.09
CA ASN A 13 -8.95 -1.75 3.04
C ASN A 13 -7.83 -1.35 2.14
N ASP A 14 -7.63 -2.13 1.13
CA ASP A 14 -6.56 -1.90 0.24
C ASP A 14 -6.85 -0.77 -0.72
N GLN A 15 -5.90 0.09 -0.86
CA GLN A 15 -5.97 1.21 -1.74
C GLN A 15 -4.56 1.61 -2.07
N CYS A 16 -3.90 2.25 -1.11
CA CYS A 16 -2.53 2.73 -1.26
C CYS A 16 -2.39 3.56 -2.57
N CYS A 17 -1.27 3.47 -3.24
CA CYS A 17 -1.10 4.18 -4.46
C CYS A 17 -1.44 3.31 -5.62
N LYS A 18 -2.60 3.54 -6.15
CA LYS A 18 -3.08 2.79 -7.30
C LYS A 18 -2.36 3.28 -8.54
N SER A 19 -1.89 4.50 -8.47
CA SER A 19 -1.15 5.11 -9.54
C SER A 19 0.25 4.46 -9.64
N SER A 20 0.73 3.90 -8.55
CA SER A 20 2.04 3.27 -8.58
C SER A 20 1.88 1.76 -8.41
N LYS A 21 0.62 1.32 -8.49
CA LYS A 21 0.22 -0.08 -8.46
C LYS A 21 0.64 -0.75 -7.16
N LEU A 22 0.50 -0.06 -6.08
CA LEU A 22 0.90 -0.50 -4.83
C LEU A 22 -0.27 -1.07 -4.10
N VAL A 23 -0.08 -2.22 -3.62
CA VAL A 23 -1.07 -2.94 -2.85
C VAL A 23 -0.66 -2.92 -1.40
N CYS A 24 -1.61 -2.84 -0.58
CA CYS A 24 -1.42 -2.78 0.84
C CYS A 24 -1.10 -4.15 1.41
N SER A 25 -0.07 -4.21 2.19
CA SER A 25 0.30 -5.38 2.86
C SER A 25 -0.47 -5.43 4.17
N ARG A 26 -0.99 -6.55 4.42
CA ARG A 26 -1.89 -6.76 5.51
C ARG A 26 -1.11 -7.26 6.69
N LYS A 27 -0.05 -7.98 6.40
CA LYS A 27 0.77 -8.55 7.43
C LYS A 27 1.91 -7.63 7.79
N THR A 28 2.07 -6.54 7.05
CA THR A 28 3.14 -5.57 7.41
C THR A 28 2.66 -4.11 7.48
N ARG A 29 1.44 -3.85 7.02
CA ARG A 29 0.82 -2.52 7.03
C ARG A 29 1.59 -1.47 6.16
N TRP A 30 2.43 -1.94 5.28
CA TRP A 30 3.07 -1.05 4.33
C TRP A 30 2.64 -1.42 2.96
N CYS A 31 3.04 -0.67 2.03
CA CYS A 31 2.66 -0.87 0.71
C CYS A 31 3.69 -1.71 -0.04
N LYS A 32 3.20 -2.61 -0.85
CA LYS A 32 4.06 -3.46 -1.62
C LYS A 32 4.24 -2.86 -2.97
N TRP A 33 5.43 -2.97 -3.46
CA TRP A 33 5.80 -2.33 -4.68
C TRP A 33 5.55 -3.26 -5.86
N GLN A 34 5.26 -2.67 -7.00
CA GLN A 34 5.03 -3.40 -8.24
C GLN A 34 6.36 -3.95 -8.79
N ILE A 35 6.38 -4.28 -10.09
CA ILE A 35 7.55 -4.84 -10.77
C ILE A 35 7.73 -6.31 -10.35
N GLY A 1 -5.78 9.66 -2.47
CA GLY A 1 -4.67 9.88 -3.39
C GLY A 1 -3.77 8.68 -3.44
N CYS A 2 -2.70 8.73 -2.72
CA CYS A 2 -1.76 7.63 -2.63
C CYS A 2 -1.13 7.62 -1.26
N LEU A 3 -0.32 6.63 -1.03
CA LEU A 3 0.46 6.50 0.15
C LEU A 3 1.85 6.17 -0.30
N GLY A 4 2.81 6.40 0.55
CA GLY A 4 4.16 6.01 0.28
C GLY A 4 4.34 4.54 0.41
N ILE A 5 5.44 4.05 -0.05
CA ILE A 5 5.69 2.65 -0.09
C ILE A 5 5.83 2.03 1.29
N TRP A 6 6.46 2.71 2.14
CA TRP A 6 6.71 2.21 3.44
C TRP A 6 5.68 2.70 4.42
N LYS A 7 4.60 3.21 3.91
CA LYS A 7 3.58 3.80 4.72
C LYS A 7 2.59 2.76 5.18
N ALA A 8 2.00 3.02 6.32
CA ALA A 8 1.02 2.15 6.88
C ALA A 8 -0.27 2.31 6.13
N CYS A 9 -0.62 1.29 5.42
CA CYS A 9 -1.81 1.25 4.65
C CYS A 9 -2.93 0.59 5.41
N ASN A 10 -4.01 0.39 4.74
CA ASN A 10 -5.16 -0.20 5.33
C ASN A 10 -5.43 -1.56 4.71
N PRO A 11 -5.09 -2.66 5.40
CA PRO A 11 -5.37 -4.03 4.92
C PRO A 11 -6.85 -4.27 4.63
N SER A 12 -7.69 -3.60 5.39
CA SER A 12 -9.12 -3.72 5.24
C SER A 12 -9.68 -2.73 4.18
N ASN A 13 -8.82 -1.92 3.61
CA ASN A 13 -9.22 -0.96 2.58
C ASN A 13 -8.03 -0.72 1.70
N ASP A 14 -7.73 -1.70 0.90
CA ASP A 14 -6.58 -1.70 0.04
C ASP A 14 -6.70 -0.63 -1.01
N GLN A 15 -5.84 0.33 -0.92
CA GLN A 15 -5.81 1.41 -1.85
C GLN A 15 -4.38 1.82 -2.11
N CYS A 16 -3.78 2.54 -1.16
CA CYS A 16 -2.42 3.04 -1.31
C CYS A 16 -2.33 3.82 -2.64
N CYS A 17 -1.23 3.73 -3.33
CA CYS A 17 -1.15 4.38 -4.58
C CYS A 17 -1.52 3.43 -5.67
N LYS A 18 -2.68 3.59 -6.20
CA LYS A 18 -3.11 2.78 -7.32
C LYS A 18 -2.53 3.32 -8.60
N SER A 19 -2.11 4.56 -8.54
CA SER A 19 -1.40 5.17 -9.64
C SER A 19 -0.02 4.50 -9.81
N SER A 20 0.50 3.91 -8.73
CA SER A 20 1.78 3.23 -8.77
C SER A 20 1.58 1.73 -8.61
N LYS A 21 0.32 1.32 -8.59
CA LYS A 21 -0.09 -0.07 -8.48
C LYS A 21 0.42 -0.73 -7.18
N LEU A 22 0.28 -0.02 -6.10
CA LEU A 22 0.71 -0.48 -4.87
C LEU A 22 -0.46 -1.06 -4.13
N VAL A 23 -0.21 -2.15 -3.51
CA VAL A 23 -1.19 -2.83 -2.70
C VAL A 23 -0.73 -2.84 -1.25
N CYS A 24 -1.60 -3.19 -0.36
CA CYS A 24 -1.30 -3.15 1.05
C CYS A 24 -0.91 -4.53 1.60
N SER A 25 0.09 -4.55 2.46
CA SER A 25 0.52 -5.69 3.16
C SER A 25 -0.32 -5.81 4.46
N ARG A 26 -0.46 -6.99 5.01
CA ARG A 26 -1.36 -7.14 6.15
C ARG A 26 -0.63 -7.08 7.47
N LYS A 27 0.26 -8.00 7.69
CA LYS A 27 0.97 -8.07 8.97
C LYS A 27 2.14 -7.11 8.97
N THR A 28 2.64 -6.80 7.80
CA THR A 28 3.74 -5.86 7.69
C THR A 28 3.21 -4.44 7.54
N ARG A 29 2.02 -4.37 6.97
CA ARG A 29 1.25 -3.15 6.77
C ARG A 29 2.06 -1.98 6.17
N TRP A 30 2.42 -2.17 4.94
CA TRP A 30 3.04 -1.16 4.11
C TRP A 30 2.66 -1.47 2.72
N CYS A 31 3.02 -0.63 1.86
CA CYS A 31 2.66 -0.74 0.51
C CYS A 31 3.67 -1.58 -0.26
N LYS A 32 3.17 -2.51 -1.03
CA LYS A 32 4.02 -3.38 -1.81
C LYS A 32 4.30 -2.71 -3.11
N TRP A 33 5.55 -2.64 -3.44
CA TRP A 33 5.99 -1.94 -4.61
C TRP A 33 5.58 -2.69 -5.87
N GLN A 34 5.39 -1.95 -6.97
CA GLN A 34 4.93 -2.53 -8.23
C GLN A 34 5.95 -3.50 -8.82
N ILE A 35 7.20 -3.30 -8.51
CA ILE A 35 8.28 -4.17 -8.93
C ILE A 35 8.87 -4.84 -7.70
N GLY A 1 -4.95 9.79 -2.23
CA GLY A 1 -4.17 9.82 -3.47
C GLY A 1 -2.84 9.17 -3.26
N CYS A 2 -2.86 7.84 -3.24
CA CYS A 2 -1.70 7.02 -3.01
C CYS A 2 -1.24 7.07 -1.56
N LEU A 3 -0.37 6.19 -1.23
CA LEU A 3 0.20 6.05 0.05
C LEU A 3 1.65 5.76 -0.17
N GLY A 4 2.48 6.31 0.67
CA GLY A 4 3.89 6.05 0.62
C GLY A 4 4.19 4.60 0.81
N ILE A 5 5.30 4.20 0.28
CA ILE A 5 5.71 2.84 0.26
C ILE A 5 5.83 2.21 1.64
N TRP A 6 6.34 2.94 2.53
CA TRP A 6 6.54 2.45 3.83
C TRP A 6 5.48 2.94 4.76
N LYS A 7 4.39 3.39 4.21
CA LYS A 7 3.34 3.89 5.02
C LYS A 7 2.41 2.80 5.49
N ALA A 8 1.87 3.00 6.66
CA ALA A 8 0.97 2.05 7.24
C ALA A 8 -0.39 2.21 6.60
N CYS A 9 -0.77 1.26 5.83
CA CYS A 9 -2.04 1.27 5.17
C CYS A 9 -3.06 0.50 5.96
N ASN A 10 -4.21 0.35 5.39
CA ASN A 10 -5.28 -0.32 6.00
C ASN A 10 -5.47 -1.66 5.32
N PRO A 11 -5.22 -2.77 6.02
CA PRO A 11 -5.47 -4.11 5.50
C PRO A 11 -6.90 -4.28 4.96
N SER A 12 -7.84 -3.64 5.64
CA SER A 12 -9.24 -3.73 5.29
C SER A 12 -9.66 -2.57 4.36
N ASN A 13 -8.71 -1.80 3.88
CA ASN A 13 -9.00 -0.69 3.00
C ASN A 13 -7.80 -0.44 2.16
N ASP A 14 -7.70 -1.18 1.11
CA ASP A 14 -6.56 -1.12 0.27
C ASP A 14 -6.69 0.01 -0.71
N GLN A 15 -5.89 1.00 -0.51
CA GLN A 15 -5.82 2.06 -1.46
C GLN A 15 -4.45 2.03 -2.06
N CYS A 16 -3.47 2.42 -1.25
CA CYS A 16 -2.10 2.50 -1.68
C CYS A 16 -1.97 3.35 -2.94
N CYS A 17 -0.92 3.21 -3.67
CA CYS A 17 -0.85 3.99 -4.86
C CYS A 17 -1.40 3.20 -5.98
N LYS A 18 -2.62 3.50 -6.29
CA LYS A 18 -3.34 2.84 -7.35
C LYS A 18 -2.74 3.22 -8.69
N SER A 19 -2.19 4.42 -8.72
CA SER A 19 -1.55 4.94 -9.90
C SER A 19 -0.25 4.18 -10.20
N SER A 20 0.47 3.77 -9.17
CA SER A 20 1.76 3.13 -9.38
C SER A 20 1.64 1.64 -9.16
N LYS A 21 0.41 1.21 -8.94
CA LYS A 21 0.03 -0.18 -8.78
C LYS A 21 0.70 -0.82 -7.55
N LEU A 22 0.70 -0.08 -6.49
CA LEU A 22 1.23 -0.48 -5.27
C LEU A 22 0.05 -0.96 -4.46
N VAL A 23 0.22 -2.03 -3.83
CA VAL A 23 -0.84 -2.66 -3.05
C VAL A 23 -0.49 -2.71 -1.57
N CYS A 24 -1.48 -2.73 -0.73
CA CYS A 24 -1.30 -2.72 0.70
C CYS A 24 -0.99 -4.12 1.24
N SER A 25 -0.09 -4.19 2.16
CA SER A 25 0.27 -5.38 2.82
C SER A 25 -0.44 -5.44 4.18
N ARG A 26 -0.62 -6.63 4.72
CA ARG A 26 -1.38 -6.75 5.95
C ARG A 26 -0.50 -6.97 7.16
N LYS A 27 0.22 -8.06 7.15
CA LYS A 27 1.00 -8.43 8.30
C LYS A 27 2.21 -7.53 8.43
N THR A 28 2.70 -7.06 7.32
CA THR A 28 3.83 -6.16 7.35
C THR A 28 3.31 -4.74 7.49
N ARG A 29 2.16 -4.53 6.88
CA ARG A 29 1.41 -3.29 6.87
C ARG A 29 2.21 -2.11 6.33
N TRP A 30 2.32 -2.10 5.04
CA TRP A 30 2.97 -1.08 4.26
C TRP A 30 2.60 -1.32 2.85
N CYS A 31 3.04 -0.50 2.00
CA CYS A 31 2.68 -0.59 0.65
C CYS A 31 3.75 -1.41 -0.07
N LYS A 32 3.36 -2.23 -1.00
CA LYS A 32 4.31 -3.00 -1.75
C LYS A 32 4.81 -2.22 -2.92
N TRP A 33 6.10 -2.25 -3.08
CA TRP A 33 6.76 -1.52 -4.13
C TRP A 33 6.58 -2.27 -5.44
N GLN A 34 6.57 -1.51 -6.52
CA GLN A 34 6.28 -2.00 -7.86
C GLN A 34 7.47 -2.74 -8.51
N ILE A 35 8.51 -2.94 -7.75
CA ILE A 35 9.69 -3.63 -8.24
C ILE A 35 10.10 -4.69 -7.23
N GLY A 1 -4.76 10.44 -4.19
CA GLY A 1 -4.74 9.70 -2.94
C GLY A 1 -3.89 8.46 -3.07
N CYS A 2 -2.72 8.53 -2.55
CA CYS A 2 -1.80 7.43 -2.54
C CYS A 2 -1.13 7.37 -1.18
N LEU A 3 -0.33 6.38 -1.00
CA LEU A 3 0.48 6.20 0.14
C LEU A 3 1.83 5.77 -0.34
N GLY A 4 2.84 6.05 0.43
CA GLY A 4 4.17 5.61 0.10
C GLY A 4 4.36 4.18 0.41
N ILE A 5 5.45 3.64 -0.02
CA ILE A 5 5.75 2.25 0.13
C ILE A 5 5.89 1.84 1.58
N TRP A 6 6.46 2.68 2.35
CA TRP A 6 6.67 2.39 3.73
C TRP A 6 5.61 3.02 4.59
N LYS A 7 4.54 3.41 3.99
CA LYS A 7 3.47 4.03 4.70
C LYS A 7 2.49 3.01 5.22
N ALA A 8 1.92 3.29 6.35
CA ALA A 8 0.99 2.41 6.99
C ALA A 8 -0.37 2.55 6.34
N CYS A 9 -0.75 1.54 5.64
CA CYS A 9 -2.00 1.51 4.96
C CYS A 9 -3.03 0.81 5.79
N ASN A 10 -4.17 0.62 5.22
CA ASN A 10 -5.24 -0.03 5.87
C ASN A 10 -5.63 -1.22 5.04
N PRO A 11 -5.33 -2.43 5.49
CA PRO A 11 -5.64 -3.68 4.76
C PRO A 11 -7.11 -3.78 4.36
N SER A 12 -7.99 -3.32 5.23
CA SER A 12 -9.43 -3.39 5.01
C SER A 12 -9.91 -2.23 4.10
N ASN A 13 -9.02 -1.32 3.78
CA ASN A 13 -9.31 -0.21 2.89
C ASN A 13 -8.19 -0.14 1.91
N ASP A 14 -7.89 -1.30 1.36
CA ASP A 14 -6.77 -1.46 0.45
C ASP A 14 -6.95 -0.62 -0.78
N GLN A 15 -6.22 0.42 -0.82
CA GLN A 15 -6.21 1.32 -1.94
C GLN A 15 -4.77 1.64 -2.27
N CYS A 16 -4.16 2.48 -1.42
CA CYS A 16 -2.81 2.97 -1.59
C CYS A 16 -2.68 3.62 -2.99
N CYS A 17 -1.53 3.58 -3.58
CA CYS A 17 -1.38 4.23 -4.84
C CYS A 17 -1.61 3.25 -5.96
N LYS A 18 -2.74 3.33 -6.58
CA LYS A 18 -3.01 2.47 -7.73
C LYS A 18 -2.27 2.99 -8.95
N SER A 19 -1.89 4.25 -8.87
CA SER A 19 -1.11 4.91 -9.86
C SER A 19 0.30 4.28 -9.94
N SER A 20 0.76 3.69 -8.83
CA SER A 20 2.05 3.04 -8.81
C SER A 20 1.88 1.55 -8.51
N LYS A 21 0.60 1.11 -8.53
CA LYS A 21 0.20 -0.29 -8.34
C LYS A 21 0.60 -0.81 -6.95
N LEU A 22 0.43 0.00 -5.96
CA LEU A 22 0.80 -0.29 -4.64
C LEU A 22 -0.42 -0.76 -3.90
N VAL A 23 -0.28 -1.88 -3.32
CA VAL A 23 -1.31 -2.52 -2.52
C VAL A 23 -0.90 -2.52 -1.06
N CYS A 24 -1.75 -2.98 -0.16
CA CYS A 24 -1.42 -2.96 1.25
C CYS A 24 -0.98 -4.35 1.73
N SER A 25 0.07 -4.37 2.52
CA SER A 25 0.59 -5.58 3.07
C SER A 25 -0.08 -5.90 4.40
N ARG A 26 -0.05 -7.17 4.73
CA ARG A 26 -0.63 -7.71 5.92
C ARG A 26 0.49 -8.33 6.71
N LYS A 27 1.61 -8.57 6.02
CA LYS A 27 2.81 -9.13 6.61
C LYS A 27 3.35 -8.14 7.61
N THR A 28 2.95 -6.91 7.43
CA THR A 28 3.24 -5.88 8.38
C THR A 28 2.13 -4.85 8.32
N ARG A 29 2.32 -3.84 7.50
CA ARG A 29 1.37 -2.79 7.25
C ARG A 29 2.08 -1.70 6.44
N TRP A 30 2.16 -1.90 5.17
CA TRP A 30 2.80 -0.97 4.27
C TRP A 30 2.40 -1.26 2.89
N CYS A 31 2.76 -0.41 2.02
CA CYS A 31 2.40 -0.55 0.68
C CYS A 31 3.42 -1.40 -0.07
N LYS A 32 2.93 -2.34 -0.84
CA LYS A 32 3.77 -3.20 -1.60
C LYS A 32 3.94 -2.63 -2.97
N TRP A 33 5.10 -2.76 -3.50
CA TRP A 33 5.44 -2.17 -4.75
C TRP A 33 5.26 -3.21 -5.86
N GLN A 34 5.23 -2.76 -7.09
CA GLN A 34 5.08 -3.64 -8.24
C GLN A 34 6.43 -4.19 -8.72
N ILE A 35 7.40 -4.19 -7.82
CA ILE A 35 8.72 -4.72 -8.07
C ILE A 35 9.13 -5.59 -6.87
N GLY A 1 -2.95 11.28 -4.20
CA GLY A 1 -3.98 10.31 -3.82
C GLY A 1 -3.40 8.94 -3.67
N CYS A 2 -2.30 8.85 -2.99
CA CYS A 2 -1.59 7.61 -2.83
C CYS A 2 -0.93 7.59 -1.47
N LEU A 3 -0.21 6.53 -1.21
CA LEU A 3 0.56 6.37 -0.04
C LEU A 3 1.94 6.02 -0.45
N GLY A 4 2.87 6.24 0.42
CA GLY A 4 4.21 5.84 0.18
C GLY A 4 4.42 4.42 0.54
N ILE A 5 5.56 3.92 0.20
CA ILE A 5 5.87 2.55 0.38
C ILE A 5 5.95 2.17 1.85
N TRP A 6 6.48 3.04 2.62
CA TRP A 6 6.69 2.79 4.00
C TRP A 6 5.50 3.21 4.83
N LYS A 7 4.42 3.57 4.18
CA LYS A 7 3.28 4.10 4.85
C LYS A 7 2.37 3.02 5.40
N ALA A 8 1.80 3.29 6.52
CA ALA A 8 0.90 2.38 7.17
C ALA A 8 -0.46 2.48 6.55
N CYS A 9 -0.79 1.50 5.78
CA CYS A 9 -2.04 1.49 5.06
C CYS A 9 -3.08 0.74 5.84
N ASN A 10 -4.21 0.60 5.23
CA ASN A 10 -5.28 -0.10 5.81
C ASN A 10 -5.44 -1.40 5.05
N PRO A 11 -5.12 -2.54 5.67
CA PRO A 11 -5.28 -3.85 5.00
C PRO A 11 -6.73 -4.10 4.59
N SER A 12 -7.65 -3.66 5.44
CA SER A 12 -9.06 -3.84 5.20
C SER A 12 -9.61 -2.77 4.24
N ASN A 13 -8.82 -1.75 3.98
CA ASN A 13 -9.25 -0.68 3.09
C ASN A 13 -8.08 -0.42 2.18
N ASP A 14 -7.83 -1.39 1.37
CA ASP A 14 -6.69 -1.42 0.49
C ASP A 14 -6.83 -0.41 -0.62
N GLN A 15 -6.01 0.58 -0.57
CA GLN A 15 -6.00 1.59 -1.58
C GLN A 15 -4.57 1.87 -2.00
N CYS A 16 -3.83 2.58 -1.14
CA CYS A 16 -2.46 3.00 -1.42
C CYS A 16 -2.41 3.69 -2.81
N CYS A 17 -1.33 3.56 -3.54
CA CYS A 17 -1.24 4.16 -4.84
C CYS A 17 -1.66 3.17 -5.89
N LYS A 18 -2.76 3.40 -6.51
CA LYS A 18 -3.24 2.49 -7.56
C LYS A 18 -2.49 2.80 -8.83
N SER A 19 -2.05 4.02 -8.93
CA SER A 19 -1.33 4.52 -10.07
C SER A 19 0.03 3.81 -10.19
N SER A 20 0.62 3.44 -9.04
CA SER A 20 1.90 2.74 -9.07
C SER A 20 1.69 1.28 -8.74
N LYS A 21 0.42 0.92 -8.61
CA LYS A 21 -0.02 -0.44 -8.38
C LYS A 21 0.51 -1.00 -7.06
N LEU A 22 0.52 -0.15 -6.06
CA LEU A 22 1.00 -0.47 -4.79
C LEU A 22 -0.19 -0.81 -3.95
N VAL A 23 -0.14 -1.91 -3.36
CA VAL A 23 -1.22 -2.41 -2.54
C VAL A 23 -0.81 -2.41 -1.09
N CYS A 24 -1.70 -2.73 -0.22
CA CYS A 24 -1.39 -2.75 1.18
C CYS A 24 -0.93 -4.14 1.62
N SER A 25 0.14 -4.17 2.39
CA SER A 25 0.66 -5.36 2.98
C SER A 25 -0.21 -5.73 4.16
N ARG A 26 -0.41 -6.99 4.33
CA ARG A 26 -1.28 -7.49 5.36
C ARG A 26 -0.44 -7.94 6.52
N LYS A 27 0.64 -8.59 6.19
CA LYS A 27 1.55 -9.10 7.17
C LYS A 27 2.34 -7.97 7.78
N THR A 28 2.73 -7.03 6.96
CA THR A 28 3.65 -6.01 7.47
C THR A 28 3.01 -4.60 7.57
N ARG A 29 1.90 -4.42 6.87
CA ARG A 29 1.15 -3.17 6.85
C ARG A 29 1.98 -1.95 6.38
N TRP A 30 2.19 -1.92 5.11
CA TRP A 30 2.84 -0.87 4.35
C TRP A 30 2.52 -1.12 2.95
N CYS A 31 2.97 -0.31 2.10
CA CYS A 31 2.65 -0.46 0.75
C CYS A 31 3.62 -1.42 0.06
N LYS A 32 3.05 -2.36 -0.67
CA LYS A 32 3.81 -3.35 -1.37
C LYS A 32 4.19 -2.80 -2.69
N TRP A 33 5.47 -2.78 -2.92
CA TRP A 33 6.00 -2.19 -4.11
C TRP A 33 5.71 -3.05 -5.32
N GLN A 34 5.40 -2.37 -6.43
CA GLN A 34 5.04 -2.98 -7.71
C GLN A 34 5.98 -4.12 -8.11
N ILE A 35 7.26 -3.88 -8.00
CA ILE A 35 8.24 -4.89 -8.28
C ILE A 35 8.78 -5.47 -6.97
#